data_6TDR
#
_entry.id   6TDR
#
_cell.length_a   58.728
_cell.length_b   82.735
_cell.length_c   83.891
_cell.angle_alpha   90.000
_cell.angle_beta   90.060
_cell.angle_gamma   90.000
#
_symmetry.space_group_name_H-M   'P 1 21 1'
#
loop_
_entity.id
_entity.type
_entity.pdbx_description
1 polymer 'MHC class I antigen'
2 polymer Beta-2-microglobulin
3 non-polymer 1,2-ETHANEDIOL
4 non-polymer 'SODIUM ION'
5 water water
#
loop_
_entity_poly.entity_id
_entity_poly.type
_entity_poly.pdbx_seq_one_letter_code
_entity_poly.pdbx_strand_id
1 'polypeptide(L)'
;AGSHSMRYFFTSVSRPGRGEPRFIAVGYVDDTQFVRFDSDAASQRMEPRAPWIEQEGPEYWDGETRKVKAHSQTHRVDLG
TLRGCYNQSEAGSHTVQRMYGCDVGSDWRFLRGYHQYAYDGKDYIALKEDLRSWTAADMCAQTTKHKWEAAHVAEQLRAY
LEGTCVEWLRRYLENGKETLQRTDAPKTHMTHHAVSDHEATLRCWALSFYPAEITLTWQRDGEDQTQDTELVETRPAGDG
TFQKWVAVVVPSGQEQRYTCHVQHEGLPKPLTLRWE
;
A,C
2 'polypeptide(L)'
;MIQRTPKIQVYSRHPAENGKSNFLNCYVSGFHPSDIEVDLLKNGERIEKVEHSDLSFSKDWSFYLLYYTEFTPTEKDEYA
CRVNHVTLSQPKIVKWDRDM
;
B,D
#
loop_
_chem_comp.id
_chem_comp.type
_chem_comp.name
_chem_comp.formula
EDO non-polymer 1,2-ETHANEDIOL 'C2 H6 O2'
NA non-polymer 'SODIUM ION' 'Na 1'
#
# COMPACT_ATOMS: atom_id res chain seq x y z
N GLY A 2 7.68 -4.24 0.64
CA GLY A 2 7.03 -3.64 1.84
C GLY A 2 6.18 -2.46 1.41
N SER A 3 5.84 -1.61 2.38
CA SER A 3 4.99 -0.45 2.22
C SER A 3 5.80 0.67 1.56
N HIS A 4 5.09 1.60 0.90
CA HIS A 4 5.69 2.72 0.26
C HIS A 4 4.78 3.93 0.39
N SER A 5 5.36 5.11 0.08
CA SER A 5 4.67 6.37 0.16
C SER A 5 5.15 7.30 -0.96
N MET A 6 4.29 8.25 -1.35
CA MET A 6 4.63 9.40 -2.14
C MET A 6 4.18 10.65 -1.37
N ARG A 7 5.00 11.69 -1.37
CA ARG A 7 4.69 12.92 -0.68
C ARG A 7 5.14 14.09 -1.55
N TYR A 8 4.27 15.11 -1.60
CA TYR A 8 4.64 16.43 -2.09
C TYR A 8 4.70 17.45 -0.95
N PHE A 9 5.73 18.30 -0.97
CA PHE A 9 5.97 19.36 0.02
C PHE A 9 6.05 20.73 -0.66
N PHE A 10 5.15 21.65 -0.29
CA PHE A 10 5.20 23.02 -0.83
C PHE A 10 5.51 24.00 0.30
N THR A 11 6.41 24.93 0.01
CA THR A 11 6.81 26.00 0.90
C THR A 11 6.58 27.32 0.20
N SER A 12 5.78 28.19 0.83
CA SER A 12 5.44 29.48 0.28
C SER A 12 5.84 30.56 1.30
N VAL A 13 6.65 31.52 0.88
CA VAL A 13 7.20 32.55 1.79
C VAL A 13 6.99 33.93 1.17
N SER A 14 6.26 34.78 1.90
CA SER A 14 6.12 36.22 1.56
C SER A 14 7.43 36.93 1.85
N ARG A 15 7.73 37.93 1.03
CA ARG A 15 8.86 38.80 1.20
C ARG A 15 8.46 40.19 0.75
N PRO A 16 7.60 40.87 1.53
CA PRO A 16 7.04 42.16 1.12
C PRO A 16 8.15 43.18 0.76
N GLY A 17 8.05 43.74 -0.45
CA GLY A 17 9.00 44.72 -0.97
C GLY A 17 10.16 44.08 -1.71
N ARG A 18 10.25 42.75 -1.68
CA ARG A 18 11.37 42.03 -2.28
C ARG A 18 10.83 41.06 -3.33
N GLY A 19 9.66 41.38 -3.89
CA GLY A 19 9.08 40.66 -5.00
C GLY A 19 7.92 39.78 -4.57
N GLU A 20 7.42 38.96 -5.51
CA GLU A 20 6.33 38.06 -5.25
C GLU A 20 6.79 36.95 -4.30
N PRO A 21 5.87 36.29 -3.56
CA PRO A 21 6.27 35.23 -2.65
C PRO A 21 7.15 34.16 -3.33
N ARG A 22 8.11 33.59 -2.58
CA ARG A 22 8.85 32.39 -3.01
C ARG A 22 7.92 31.18 -2.93
N PHE A 23 8.00 30.30 -3.94
CA PHE A 23 7.27 29.06 -3.88
C PHE A 23 8.21 27.93 -4.29
N ILE A 24 8.42 26.97 -3.38
CA ILE A 24 9.29 25.78 -3.66
C ILE A 24 8.47 24.51 -3.47
N ALA A 25 8.51 23.60 -4.45
CA ALA A 25 7.81 22.36 -4.38
C ALA A 25 8.83 21.24 -4.60
N VAL A 26 8.72 20.19 -3.80
CA VAL A 26 9.47 18.99 -4.00
C VAL A 26 8.52 17.78 -3.85
N GLY A 27 8.88 16.69 -4.54
CA GLY A 27 8.22 15.40 -4.58
C GLY A 27 9.16 14.29 -4.17
N TYR A 28 8.68 13.34 -3.35
CA TYR A 28 9.43 12.22 -2.84
C TYR A 28 8.64 10.93 -3.06
N VAL A 29 9.34 9.84 -3.36
CA VAL A 29 8.84 8.53 -3.16
C VAL A 29 9.70 7.90 -2.06
N ASP A 30 9.07 7.44 -0.99
CA ASP A 30 9.81 7.05 0.22
C ASP A 30 10.79 8.17 0.59
N ASP A 31 12.08 7.86 0.79
CA ASP A 31 13.08 8.85 1.20
C ASP A 31 13.88 9.32 -0.02
N THR A 32 13.38 9.10 -1.23
CA THR A 32 14.08 9.50 -2.46
C THR A 32 13.32 10.66 -3.12
N GLN A 33 13.98 11.83 -3.25
CA GLN A 33 13.39 12.96 -3.98
C GLN A 33 13.36 12.67 -5.48
N PHE A 34 12.35 13.20 -6.20
CA PHE A 34 12.31 12.95 -7.67
C PHE A 34 11.95 14.21 -8.50
N VAL A 35 11.32 15.23 -7.89
CA VAL A 35 11.03 16.46 -8.65
C VAL A 35 11.27 17.67 -7.78
N ARG A 36 11.46 18.80 -8.47
CA ARG A 36 11.40 20.12 -7.82
C ARG A 36 10.80 21.20 -8.72
N PHE A 37 10.31 22.25 -8.07
CA PHE A 37 9.97 23.50 -8.74
C PHE A 37 10.38 24.63 -7.81
N ASP A 38 11.16 25.56 -8.35
CA ASP A 38 11.54 26.74 -7.59
C ASP A 38 11.09 27.96 -8.38
N SER A 39 10.17 28.76 -7.81
CA SER A 39 9.60 29.95 -8.49
C SER A 39 10.68 31.00 -8.79
N ASP A 40 11.82 30.98 -8.07
CA ASP A 40 12.91 31.95 -8.29
C ASP A 40 13.89 31.52 -9.39
N ALA A 41 13.86 30.23 -9.77
CA ALA A 41 14.81 29.67 -10.77
C ALA A 41 14.45 30.15 -12.18
N ALA A 42 15.44 30.14 -13.08
CA ALA A 42 15.29 30.66 -14.45
C ALA A 42 14.37 29.78 -15.30
N SER A 43 14.41 28.46 -15.09
CA SER A 43 13.74 27.56 -16.03
C SER A 43 12.21 27.73 -16.03
N GLN A 44 11.60 28.02 -14.87
CA GLN A 44 10.14 28.04 -14.69
C GLN A 44 9.55 26.69 -15.11
N ARG A 45 10.24 25.60 -14.78
CA ARG A 45 9.73 24.25 -15.11
C ARG A 45 9.87 23.40 -13.86
N MET A 46 8.90 22.51 -13.62
CA MET A 46 9.17 21.32 -12.82
C MET A 46 10.30 20.54 -13.48
N GLU A 47 11.29 20.15 -12.66
CA GLU A 47 12.52 19.57 -13.08
C GLU A 47 12.73 18.21 -12.40
N PRO A 48 13.35 17.26 -13.12
CA PRO A 48 13.72 15.95 -12.60
C PRO A 48 14.85 16.07 -11.55
N ARG A 49 14.71 15.27 -10.49
CA ARG A 49 15.73 15.17 -9.45
C ARG A 49 16.04 13.72 -9.10
N ALA A 50 15.60 12.76 -9.93
CA ALA A 50 15.97 11.35 -9.82
C ALA A 50 16.09 10.82 -11.23
N PRO A 51 17.11 9.99 -11.49
CA PRO A 51 17.34 9.44 -12.82
C PRO A 51 16.11 8.72 -13.41
N TRP A 52 15.31 8.05 -12.58
CA TRP A 52 14.19 7.25 -13.09
C TRP A 52 12.96 8.09 -13.50
N ILE A 53 12.89 9.38 -13.15
CA ILE A 53 11.77 10.20 -13.57
C ILE A 53 12.11 10.86 -14.93
N GLU A 54 13.39 10.87 -15.31
CA GLU A 54 13.89 11.63 -16.50
C GLU A 54 13.17 11.15 -17.76
N GLN A 55 12.78 9.86 -17.79
CA GLN A 55 12.17 9.21 -18.95
C GLN A 55 10.74 9.70 -19.22
N GLU A 56 10.08 10.35 -18.26
CA GLU A 56 8.73 10.86 -18.46
C GLU A 56 8.75 11.83 -19.65
N GLY A 57 7.71 11.74 -20.47
CA GLY A 57 7.61 12.54 -21.67
C GLY A 57 7.21 13.99 -21.43
N PRO A 58 7.15 14.78 -22.53
CA PRO A 58 6.83 16.19 -22.40
C PRO A 58 5.43 16.52 -21.87
N GLU A 59 4.43 15.64 -22.05
CA GLU A 59 3.13 15.88 -21.50
C GLU A 59 3.19 15.89 -19.97
N TYR A 60 4.01 15.00 -19.44
CA TYR A 60 4.25 14.89 -17.98
C TYR A 60 4.82 16.22 -17.47
N TRP A 61 5.90 16.71 -18.08
CA TRP A 61 6.60 17.91 -17.58
C TRP A 61 5.72 19.15 -17.80
N ASP A 62 5.03 19.22 -18.95
CA ASP A 62 4.07 20.28 -19.20
C ASP A 62 2.96 20.29 -18.15
N GLY A 63 2.33 19.14 -17.90
CA GLY A 63 1.24 18.93 -16.97
C GLY A 63 1.64 19.32 -15.56
N GLU A 64 2.79 18.80 -15.12
CA GLU A 64 3.33 19.04 -13.74
C GLU A 64 3.71 20.50 -13.58
N THR A 65 4.32 21.12 -14.62
CA THR A 65 4.65 22.54 -14.56
C THR A 65 3.36 23.37 -14.45
N ARG A 66 2.35 23.09 -15.27
CA ARG A 66 1.07 23.83 -15.22
C ARG A 66 0.48 23.71 -13.81
N LYS A 67 0.43 22.47 -13.30
CA LYS A 67 -0.25 22.20 -12.01
C LYS A 67 0.48 22.93 -10.86
N VAL A 68 1.82 22.82 -10.77
CA VAL A 68 2.61 23.41 -9.64
C VAL A 68 2.55 24.95 -9.72
N LYS A 69 2.57 25.52 -10.92
CA LYS A 69 2.41 26.95 -11.08
C LYS A 69 1.03 27.41 -10.55
N ALA A 70 -0.03 26.66 -10.86
CA ALA A 70 -1.40 26.98 -10.41
C ALA A 70 -1.44 26.94 -8.87
N HIS A 71 -0.74 25.96 -8.28
CA HIS A 71 -0.62 25.88 -6.82
C HIS A 71 0.11 27.11 -6.28
N SER A 72 1.19 27.54 -6.96
CA SER A 72 1.94 28.76 -6.51
C SER A 72 0.99 29.98 -6.46
N GLN A 73 0.08 30.06 -7.43
CA GLN A 73 -0.81 31.20 -7.54
C GLN A 73 -1.84 31.20 -6.39
N THR A 74 -2.39 30.02 -6.07
CA THR A 74 -3.37 29.94 -4.95
C THR A 74 -2.68 30.24 -3.61
N HIS A 75 -1.42 29.79 -3.43
CA HIS A 75 -0.67 30.05 -2.24
C HIS A 75 -0.36 31.54 -2.13
N ARG A 76 -0.11 32.20 -3.27
CA ARG A 76 0.17 33.63 -3.26
C ARG A 76 -1.02 34.36 -2.63
N VAL A 77 -2.22 33.97 -3.04
N VAL A 77 -2.22 33.98 -3.07
CA VAL A 77 -3.42 34.64 -2.56
CA VAL A 77 -3.49 34.54 -2.60
C VAL A 77 -3.72 34.23 -1.11
C VAL A 77 -3.71 34.22 -1.11
N ASP A 78 -3.44 32.97 -0.74
CA ASP A 78 -3.56 32.51 0.67
C ASP A 78 -2.74 33.34 1.67
N LEU A 79 -1.54 33.82 1.27
CA LEU A 79 -0.70 34.62 2.15
C LEU A 79 -1.42 35.93 2.51
N GLY A 80 -2.16 36.50 1.54
CA GLY A 80 -3.05 37.64 1.79
C GLY A 80 -4.19 37.34 2.73
N THR A 81 -4.94 36.27 2.47
CA THR A 81 -6.06 35.86 3.32
C THR A 81 -5.61 35.69 4.76
N LEU A 82 -4.47 34.99 4.93
CA LEU A 82 -3.99 34.63 6.23
C LEU A 82 -3.52 35.88 6.99
N ARG A 83 -2.80 36.76 6.31
CA ARG A 83 -2.29 38.04 6.90
C ARG A 83 -3.48 38.88 7.42
N GLY A 84 -4.52 38.99 6.58
CA GLY A 84 -5.77 39.67 6.93
C GLY A 84 -6.44 39.03 8.12
N CYS A 85 -6.56 37.71 8.12
CA CYS A 85 -7.28 37.02 9.19
C CYS A 85 -6.58 37.18 10.54
N TYR A 86 -5.26 37.04 10.56
CA TYR A 86 -4.47 37.17 11.79
C TYR A 86 -4.20 38.65 12.11
N ASN A 87 -4.68 39.59 11.28
CA ASN A 87 -4.47 41.02 11.44
C ASN A 87 -2.96 41.36 11.54
N GLN A 88 -2.14 40.75 10.66
CA GLN A 88 -0.70 40.99 10.70
C GLN A 88 -0.30 42.12 9.76
N SER A 89 0.85 42.72 10.11
N SER A 89 0.84 42.74 10.10
CA SER A 89 1.38 43.82 9.35
CA SER A 89 1.38 43.84 9.34
C SER A 89 1.74 43.34 7.95
C SER A 89 1.73 43.37 7.92
N GLU A 90 1.70 44.29 7.01
N GLU A 90 1.68 44.31 6.97
CA GLU A 90 2.01 44.07 5.60
CA GLU A 90 2.01 44.05 5.56
C GLU A 90 3.52 43.83 5.41
C GLU A 90 3.53 43.85 5.38
N ALA A 91 4.34 44.29 6.35
CA ALA A 91 5.81 44.31 6.20
C ALA A 91 6.44 42.93 6.43
N GLY A 92 5.83 42.10 7.27
CA GLY A 92 6.47 40.91 7.79
C GLY A 92 6.44 39.78 6.77
N SER A 93 7.44 38.90 6.86
CA SER A 93 7.48 37.67 6.11
C SER A 93 6.71 36.59 6.87
N HIS A 94 5.92 35.81 6.11
CA HIS A 94 5.22 34.66 6.64
C HIS A 94 5.43 33.47 5.73
N THR A 95 5.24 32.30 6.32
CA THR A 95 5.42 31.02 5.70
C THR A 95 4.14 30.19 5.72
N VAL A 96 3.71 29.79 4.52
CA VAL A 96 2.76 28.68 4.41
C VAL A 96 3.50 27.42 3.94
N GLN A 97 3.06 26.28 4.45
CA GLN A 97 3.54 24.97 4.07
C GLN A 97 2.35 24.05 3.87
N ARG A 98 2.49 23.21 2.86
CA ARG A 98 1.50 22.20 2.53
C ARG A 98 2.25 20.89 2.26
N MET A 99 1.72 19.79 2.81
N MET A 99 1.70 19.78 2.76
CA MET A 99 2.15 18.39 2.67
CA MET A 99 2.17 18.45 2.50
C MET A 99 0.94 17.57 2.21
C MET A 99 0.95 17.57 2.21
N TYR A 100 1.12 16.67 1.24
CA TYR A 100 0.10 15.76 0.84
C TYR A 100 0.72 14.54 0.18
N GLY A 101 -0.06 13.45 0.17
CA GLY A 101 0.30 12.24 -0.50
C GLY A 101 -0.37 11.02 0.10
N CYS A 102 0.17 9.87 -0.30
CA CYS A 102 -0.45 8.58 -0.13
C CYS A 102 0.58 7.56 0.38
N ASP A 103 0.05 6.59 1.15
CA ASP A 103 0.71 5.41 1.60
C ASP A 103 -0.02 4.22 0.97
N VAL A 104 0.80 3.27 0.50
CA VAL A 104 0.37 1.95 0.13
C VAL A 104 1.10 0.92 0.97
N GLY A 105 0.41 -0.21 1.16
CA GLY A 105 0.94 -1.39 1.82
C GLY A 105 1.77 -2.22 0.89
N SER A 106 2.17 -3.40 1.40
CA SER A 106 2.97 -4.38 0.69
C SER A 106 2.30 -4.85 -0.62
N ASP A 107 0.96 -4.82 -0.66
CA ASP A 107 0.19 -5.20 -1.83
C ASP A 107 0.08 -4.04 -2.85
N TRP A 108 0.70 -2.89 -2.56
CA TRP A 108 0.66 -1.64 -3.35
C TRP A 108 -0.76 -1.06 -3.44
N ARG A 109 -1.63 -1.40 -2.48
N ARG A 109 -1.63 -1.41 -2.48
CA ARG A 109 -2.98 -0.84 -2.46
CA ARG A 109 -2.98 -0.85 -2.46
C ARG A 109 -3.01 0.34 -1.49
C ARG A 109 -3.02 0.33 -1.49
N PHE A 110 -3.96 1.26 -1.71
CA PHE A 110 -4.13 2.46 -0.89
C PHE A 110 -4.35 2.08 0.59
N LEU A 111 -3.64 2.76 1.48
CA LEU A 111 -3.71 2.48 2.92
C LEU A 111 -4.14 3.77 3.63
N ARG A 112 -3.52 4.91 3.28
CA ARG A 112 -3.84 6.20 3.92
C ARG A 112 -3.49 7.37 3.00
N GLY A 113 -4.14 8.50 3.28
CA GLY A 113 -3.88 9.75 2.65
C GLY A 113 -3.63 10.86 3.65
N TYR A 114 -2.98 11.91 3.17
CA TYR A 114 -2.59 13.07 4.00
C TYR A 114 -2.78 14.31 3.13
N HIS A 115 -3.33 15.37 3.72
CA HIS A 115 -3.36 16.66 3.08
C HIS A 115 -3.43 17.77 4.15
N GLN A 116 -2.30 18.42 4.39
CA GLN A 116 -2.23 19.25 5.57
C GLN A 116 -1.34 20.47 5.37
N TYR A 117 -1.69 21.50 6.14
CA TYR A 117 -1.22 22.84 6.00
C TYR A 117 -0.77 23.38 7.36
N ALA A 118 0.28 24.19 7.31
CA ALA A 118 0.82 24.93 8.45
C ALA A 118 0.97 26.38 8.03
N TYR A 119 0.79 27.30 9.02
CA TYR A 119 1.14 28.71 8.81
C TYR A 119 2.12 29.12 9.91
N ASP A 120 3.19 29.78 9.51
CA ASP A 120 4.28 30.22 10.37
C ASP A 120 4.66 29.11 11.38
N GLY A 121 4.83 27.87 10.87
CA GLY A 121 5.48 26.73 11.57
C GLY A 121 4.56 25.98 12.56
N LYS A 122 3.25 26.24 12.51
CA LYS A 122 2.25 25.67 13.37
C LYS A 122 1.13 25.08 12.51
N ASP A 123 0.56 23.93 12.91
CA ASP A 123 -0.59 23.36 12.24
C ASP A 123 -1.63 24.48 12.04
N TYR A 124 -2.23 24.48 10.85
CA TYR A 124 -3.28 25.37 10.48
C TYR A 124 -4.56 24.57 10.23
N ILE A 125 -4.55 23.73 9.18
CA ILE A 125 -5.69 22.89 8.86
C ILE A 125 -5.19 21.58 8.27
N ALA A 126 -5.85 20.47 8.63
CA ALA A 126 -5.46 19.17 8.10
C ALA A 126 -6.69 18.32 7.82
N LEU A 127 -6.57 17.55 6.76
CA LEU A 127 -7.55 16.56 6.41
C LEU A 127 -7.32 15.38 7.33
N LYS A 128 -8.40 14.87 7.91
CA LYS A 128 -8.31 13.70 8.78
C LYS A 128 -8.14 12.42 7.97
N GLU A 129 -7.83 11.34 8.69
CA GLU A 129 -7.59 10.04 8.13
C GLU A 129 -8.79 9.59 7.28
N ASP A 130 -10.00 9.99 7.64
CA ASP A 130 -11.20 9.56 6.87
C ASP A 130 -11.30 10.24 5.50
N LEU A 131 -10.49 11.30 5.26
CA LEU A 131 -10.41 12.10 4.01
C LEU A 131 -11.76 12.79 3.71
N ARG A 132 -12.56 13.05 4.77
CA ARG A 132 -13.86 13.70 4.63
C ARG A 132 -13.95 14.96 5.51
N SER A 133 -13.14 15.05 6.55
CA SER A 133 -13.32 16.03 7.62
C SER A 133 -11.97 16.68 7.95
N TRP A 134 -12.06 17.83 8.61
CA TRP A 134 -10.98 18.77 8.78
C TRP A 134 -10.67 18.98 10.27
N THR A 135 -9.38 19.01 10.61
CA THR A 135 -8.90 19.56 11.84
C THR A 135 -8.38 20.98 11.64
N ALA A 136 -8.99 21.90 12.40
CA ALA A 136 -8.69 23.29 12.38
C ALA A 136 -8.70 23.77 13.82
N ALA A 137 -7.53 24.13 14.36
CA ALA A 137 -7.42 24.55 15.77
C ALA A 137 -7.91 25.98 15.92
N ASP A 138 -7.26 26.90 15.20
CA ASP A 138 -7.49 28.25 15.58
C ASP A 138 -8.70 28.77 14.79
N MET A 139 -9.13 29.97 15.17
CA MET A 139 -10.34 30.57 14.62
C MET A 139 -10.17 30.81 13.12
N CYS A 140 -9.02 31.35 12.71
CA CYS A 140 -8.72 31.62 11.30
C CYS A 140 -8.88 30.35 10.46
N ALA A 141 -8.40 29.20 10.95
CA ALA A 141 -8.46 27.93 10.25
C ALA A 141 -9.89 27.40 10.23
N GLN A 142 -10.65 27.66 11.30
N GLN A 142 -10.66 27.67 11.29
CA GLN A 142 -12.10 27.39 11.40
CA GLN A 142 -12.09 27.32 11.36
C GLN A 142 -12.85 28.04 10.23
C GLN A 142 -12.86 28.05 10.23
N THR A 143 -12.54 29.31 9.97
CA THR A 143 -13.14 30.09 8.87
C THR A 143 -12.87 29.38 7.53
N THR A 144 -11.61 29.03 7.32
CA THR A 144 -11.19 28.24 6.13
C THR A 144 -12.01 26.96 5.98
N LYS A 145 -12.16 26.22 7.09
CA LYS A 145 -12.91 24.97 7.16
C LYS A 145 -14.38 25.19 6.73
N HIS A 146 -15.00 26.29 7.19
CA HIS A 146 -16.42 26.61 6.78
C HIS A 146 -16.49 26.70 5.25
N LYS A 147 -15.56 27.46 4.65
CA LYS A 147 -15.50 27.68 3.22
C LYS A 147 -15.23 26.35 2.51
N TRP A 148 -14.29 25.54 3.00
CA TRP A 148 -13.92 24.28 2.34
C TRP A 148 -15.02 23.22 2.51
N GLU A 149 -15.76 23.23 3.63
CA GLU A 149 -16.89 22.30 3.83
C GLU A 149 -18.02 22.64 2.82
N ALA A 150 -18.33 23.92 2.71
CA ALA A 150 -19.40 24.43 1.81
C ALA A 150 -19.07 24.14 0.34
N ALA A 151 -17.78 24.17 -0.02
CA ALA A 151 -17.29 24.00 -1.39
C ALA A 151 -16.90 22.55 -1.69
N HIS A 152 -17.04 21.64 -0.72
CA HIS A 152 -16.81 20.21 -0.88
C HIS A 152 -15.38 19.96 -1.36
N VAL A 153 -14.44 20.73 -0.81
CA VAL A 153 -13.02 20.64 -1.14
C VAL A 153 -12.44 19.26 -0.83
N ALA A 154 -12.86 18.62 0.26
CA ALA A 154 -12.29 17.33 0.69
C ALA A 154 -12.56 16.22 -0.34
N GLU A 155 -13.71 16.23 -1.02
CA GLU A 155 -14.02 15.14 -1.96
C GLU A 155 -13.03 15.15 -3.15
N GLN A 156 -12.66 16.33 -3.66
CA GLN A 156 -11.66 16.46 -4.74
C GLN A 156 -10.29 15.93 -4.27
N LEU A 157 -9.90 16.32 -3.05
CA LEU A 157 -8.59 15.90 -2.50
C LEU A 157 -8.57 14.38 -2.32
N ARG A 158 -9.69 13.80 -1.86
CA ARG A 158 -9.77 12.35 -1.60
C ARG A 158 -9.60 11.56 -2.89
N ALA A 159 -10.22 12.06 -3.96
CA ALA A 159 -10.10 11.44 -5.27
C ALA A 159 -8.64 11.38 -5.72
N TYR A 160 -7.89 12.48 -5.58
CA TYR A 160 -6.44 12.48 -5.95
C TYR A 160 -5.68 11.42 -5.12
N LEU A 161 -5.94 11.40 -3.82
CA LEU A 161 -5.16 10.65 -2.87
C LEU A 161 -5.43 9.14 -2.98
N GLU A 162 -6.68 8.74 -3.22
CA GLU A 162 -7.04 7.33 -3.33
C GLU A 162 -6.73 6.80 -4.73
N GLY A 163 -6.69 7.66 -5.74
CA GLY A 163 -6.61 7.19 -7.12
C GLY A 163 -5.29 7.56 -7.76
N THR A 164 -5.23 8.83 -8.17
CA THR A 164 -4.12 9.34 -9.02
C THR A 164 -2.77 9.13 -8.28
N CYS A 165 -2.76 9.50 -7.00
CA CYS A 165 -1.53 9.45 -6.21
C CYS A 165 -0.98 8.01 -6.24
N VAL A 166 -1.86 7.04 -6.04
CA VAL A 166 -1.47 5.65 -5.90
C VAL A 166 -1.05 5.07 -7.27
N GLU A 167 -1.75 5.48 -8.32
N GLU A 167 -1.75 5.48 -8.32
CA GLU A 167 -1.44 5.03 -9.68
CA GLU A 167 -1.45 5.07 -9.69
C GLU A 167 -0.02 5.47 -10.08
C GLU A 167 -0.01 5.46 -10.06
N TRP A 168 0.31 6.73 -9.81
CA TRP A 168 1.63 7.24 -10.12
C TRP A 168 2.69 6.59 -9.23
N LEU A 169 2.40 6.45 -7.92
CA LEU A 169 3.35 5.78 -7.03
C LEU A 169 3.75 4.41 -7.58
N ARG A 170 2.78 3.65 -8.09
CA ARG A 170 2.97 2.26 -8.56
C ARG A 170 3.91 2.26 -9.77
N ARG A 171 3.66 3.18 -10.70
CA ARG A 171 4.50 3.43 -11.86
C ARG A 171 5.93 3.73 -11.44
N TYR A 172 6.10 4.71 -10.54
CA TYR A 172 7.43 5.09 -10.05
C TYR A 172 8.12 3.91 -9.38
N LEU A 173 7.42 3.11 -8.56
CA LEU A 173 8.11 1.97 -7.87
C LEU A 173 8.73 0.99 -8.89
N GLU A 174 8.06 0.77 -10.04
CA GLU A 174 8.53 -0.13 -11.05
C GLU A 174 9.66 0.55 -11.86
N ASN A 175 9.43 1.79 -12.36
CA ASN A 175 10.44 2.50 -13.19
C ASN A 175 11.74 2.79 -12.38
N GLY A 176 11.60 3.05 -11.07
CA GLY A 176 12.74 3.36 -10.22
C GLY A 176 13.13 2.16 -9.34
N LYS A 177 12.78 0.94 -9.76
CA LYS A 177 12.84 -0.26 -8.84
C LYS A 177 14.27 -0.50 -8.31
N GLU A 178 15.31 -0.15 -9.07
CA GLU A 178 16.73 -0.39 -8.65
C GLU A 178 17.05 0.47 -7.41
N THR A 179 16.54 1.69 -7.40
CA THR A 179 16.64 2.66 -6.27
C THR A 179 15.61 2.35 -5.17
N LEU A 180 14.33 2.23 -5.53
CA LEU A 180 13.24 2.34 -4.53
C LEU A 180 12.86 0.97 -3.95
N GLN A 181 13.05 -0.12 -4.66
CA GLN A 181 12.79 -1.47 -4.13
C GLN A 181 14.14 -2.07 -3.72
N ARG A 182 14.76 -1.48 -2.70
CA ARG A 182 16.15 -1.80 -2.30
C ARG A 182 16.22 -1.61 -0.78
N THR A 183 17.02 -2.44 -0.10
CA THR A 183 17.35 -2.19 1.30
C THR A 183 18.85 -2.38 1.42
N ASP A 184 19.54 -1.36 1.96
CA ASP A 184 20.92 -1.32 2.24
C ASP A 184 21.07 -1.42 3.78
N ALA A 185 21.57 -2.56 4.28
CA ALA A 185 21.58 -2.77 5.74
C ALA A 185 22.69 -1.88 6.30
N PRO A 186 22.57 -1.35 7.55
CA PRO A 186 23.61 -0.45 8.07
C PRO A 186 24.92 -1.21 8.32
N LYS A 187 26.05 -0.57 8.03
N LYS A 187 26.04 -0.57 8.05
CA LYS A 187 27.35 -1.03 8.54
CA LYS A 187 27.35 -1.02 8.55
C LYS A 187 27.60 -0.32 9.88
C LYS A 187 27.59 -0.32 9.89
N THR A 188 27.72 -1.13 10.93
CA THR A 188 27.76 -0.64 12.32
C THR A 188 29.16 -0.80 12.94
N HIS A 189 29.45 0.11 13.86
CA HIS A 189 30.59 0.03 14.74
C HIS A 189 30.40 0.97 15.90
N MET A 190 31.29 0.89 16.88
CA MET A 190 31.33 1.83 17.91
C MET A 190 32.73 2.41 17.98
N THR A 191 32.82 3.68 18.36
CA THR A 191 34.09 4.35 18.64
C THR A 191 34.15 4.72 20.13
N HIS A 192 35.39 4.83 20.62
CA HIS A 192 35.72 5.30 22.00
C HIS A 192 36.74 6.43 21.86
N HIS A 193 36.54 7.50 22.63
CA HIS A 193 37.43 8.59 22.70
C HIS A 193 37.46 9.15 24.13
N ALA A 194 38.65 9.13 24.74
CA ALA A 194 38.86 9.67 26.08
C ALA A 194 38.72 11.18 26.02
N VAL A 195 37.73 11.71 26.77
CA VAL A 195 37.47 13.12 26.88
C VAL A 195 38.48 13.70 27.88
N SER A 196 38.86 12.84 28.85
CA SER A 196 39.86 13.14 29.85
C SER A 196 40.36 11.83 30.50
N ASP A 197 41.18 11.98 31.53
CA ASP A 197 41.66 10.91 32.40
C ASP A 197 40.48 10.06 32.92
N HIS A 198 39.29 10.64 33.07
CA HIS A 198 38.26 10.04 33.93
C HIS A 198 36.96 9.70 33.19
N GLU A 199 36.81 10.13 31.91
CA GLU A 199 35.57 9.84 31.19
C GLU A 199 35.86 9.68 29.70
N ALA A 200 34.96 8.93 29.05
CA ALA A 200 35.14 8.60 27.66
C ALA A 200 33.81 8.76 26.92
N THR A 201 33.90 9.24 25.67
CA THR A 201 32.75 9.30 24.71
C THR A 201 32.71 7.99 23.95
N LEU A 202 31.60 7.27 24.13
CA LEU A 202 31.26 6.08 23.34
C LEU A 202 30.26 6.51 22.26
N ARG A 203 30.58 6.24 21.00
CA ARG A 203 29.69 6.61 19.87
C ARG A 203 29.38 5.35 19.03
N CYS A 204 28.10 5.13 18.82
CA CYS A 204 27.60 4.00 18.07
C CYS A 204 27.09 4.49 16.72
N TRP A 205 27.65 3.94 15.66
CA TRP A 205 27.50 4.38 14.31
C TRP A 205 26.69 3.39 13.48
N ALA A 206 25.82 3.94 12.61
CA ALA A 206 25.18 3.24 11.54
C ALA A 206 25.44 4.01 10.23
N LEU A 207 26.01 3.31 9.22
CA LEU A 207 26.41 3.99 8.01
C LEU A 207 25.85 3.23 6.79
N SER A 208 25.71 3.95 5.67
N SER A 208 25.73 3.97 5.68
CA SER A 208 25.43 3.38 4.36
CA SER A 208 25.43 3.42 4.35
C SER A 208 24.09 2.63 4.32
C SER A 208 24.11 2.65 4.32
N PHE A 209 23.08 3.11 5.03
CA PHE A 209 21.77 2.38 5.10
C PHE A 209 20.67 3.09 4.30
N TYR A 210 19.68 2.28 3.90
CA TYR A 210 18.48 2.73 3.17
C TYR A 210 17.39 1.68 3.41
N PRO A 211 16.16 2.09 3.75
CA PRO A 211 15.69 3.45 3.92
C PRO A 211 16.19 4.10 5.22
N ALA A 212 15.77 5.34 5.44
CA ALA A 212 16.27 6.22 6.50
C ALA A 212 15.81 5.72 7.87
N GLU A 213 14.68 5.04 7.94
CA GLU A 213 14.14 4.57 9.27
C GLU A 213 15.16 3.66 9.95
N ILE A 214 15.55 4.03 11.18
CA ILE A 214 16.51 3.25 11.97
C ILE A 214 16.30 3.55 13.45
N THR A 215 16.67 2.57 14.30
CA THR A 215 16.73 2.82 15.74
C THR A 215 18.12 2.46 16.27
N LEU A 216 18.70 3.40 17.05
CA LEU A 216 19.99 3.23 17.72
C LEU A 216 19.79 3.61 19.18
N THR A 217 20.09 2.68 20.09
CA THR A 217 19.96 2.93 21.53
C THR A 217 21.18 2.35 22.26
N TRP A 218 21.52 2.97 23.41
CA TRP A 218 22.54 2.44 24.31
C TRP A 218 21.82 1.83 25.51
N GLN A 219 22.40 0.76 26.05
CA GLN A 219 22.02 0.19 27.35
C GLN A 219 23.27 0.18 28.24
N ARG A 220 23.02 0.38 29.53
CA ARG A 220 24.00 0.18 30.60
C ARG A 220 23.50 -0.97 31.46
N ASP A 221 24.27 -2.06 31.45
CA ASP A 221 23.93 -3.33 32.07
C ASP A 221 22.46 -3.64 31.73
N GLY A 222 22.09 -3.45 30.47
CA GLY A 222 20.76 -3.85 30.01
C GLY A 222 19.67 -2.81 30.23
N GLU A 223 20.00 -1.66 30.84
CA GLU A 223 19.04 -0.54 30.99
C GLU A 223 19.23 0.48 29.86
N ASP A 224 18.16 0.77 29.10
CA ASP A 224 18.13 1.86 28.13
C ASP A 224 18.60 3.18 28.75
N GLN A 225 19.46 3.89 28.01
CA GLN A 225 20.13 5.12 28.49
C GLN A 225 19.66 6.35 27.67
N THR A 226 18.42 6.30 27.19
CA THR A 226 17.88 7.30 26.26
C THR A 226 18.03 8.72 26.83
N GLN A 227 17.67 8.92 28.09
CA GLN A 227 17.81 10.22 28.78
C GLN A 227 19.25 10.77 28.74
N ASP A 228 20.27 9.89 28.68
CA ASP A 228 21.66 10.32 28.77
C ASP A 228 22.35 10.23 27.37
N THR A 229 21.56 9.96 26.34
CA THR A 229 22.13 9.71 25.01
C THR A 229 22.00 10.96 24.15
N GLU A 230 23.07 11.31 23.45
CA GLU A 230 22.97 12.30 22.37
C GLU A 230 22.71 11.54 21.08
N LEU A 231 21.49 11.69 20.54
CA LEU A 231 21.07 11.05 19.29
C LEU A 231 21.03 12.11 18.18
N VAL A 232 21.89 12.01 17.18
CA VAL A 232 21.81 13.02 16.10
C VAL A 232 20.68 12.65 15.15
N GLU A 233 20.19 13.67 14.44
CA GLU A 233 19.21 13.47 13.37
C GLU A 233 19.81 12.63 12.24
N THR A 234 19.05 11.62 11.80
CA THR A 234 19.47 10.81 10.68
C THR A 234 19.75 11.77 9.53
N ARG A 235 20.88 11.55 8.85
CA ARG A 235 21.41 12.50 7.84
C ARG A 235 21.78 11.82 6.53
N PRO A 236 21.65 12.52 5.38
CA PRO A 236 21.98 11.95 4.06
C PRO A 236 23.50 11.89 3.84
N ALA A 237 24.00 10.78 3.29
CA ALA A 237 25.40 10.65 2.90
C ALA A 237 25.66 11.44 1.61
N GLY A 238 24.61 11.62 0.78
CA GLY A 238 24.73 12.31 -0.49
C GLY A 238 24.62 11.37 -1.66
N ASP A 239 24.76 10.07 -1.41
CA ASP A 239 24.78 9.04 -2.41
C ASP A 239 23.51 8.17 -2.35
N GLY A 240 22.46 8.66 -1.70
CA GLY A 240 21.16 7.96 -1.59
C GLY A 240 21.07 7.01 -0.41
N THR A 241 22.09 7.01 0.46
CA THR A 241 22.05 6.32 1.74
C THR A 241 22.09 7.31 2.91
N PHE A 242 21.89 6.76 4.09
CA PHE A 242 21.77 7.53 5.34
C PHE A 242 22.83 7.10 6.37
N GLN A 243 23.05 8.03 7.31
CA GLN A 243 23.96 7.90 8.43
C GLN A 243 23.27 8.35 9.72
N LYS A 244 23.65 7.72 10.83
CA LYS A 244 23.17 8.10 12.16
C LYS A 244 24.21 7.69 13.20
N TRP A 245 24.27 8.47 14.29
CA TRP A 245 25.02 8.03 15.50
C TRP A 245 24.32 8.44 16.79
N VAL A 246 24.71 7.72 17.85
CA VAL A 246 24.25 7.86 19.24
C VAL A 246 25.50 7.83 20.12
N ALA A 247 25.56 8.74 21.10
CA ALA A 247 26.75 8.86 21.99
C ALA A 247 26.31 8.98 23.44
N VAL A 248 27.15 8.35 24.27
CA VAL A 248 27.08 8.48 25.74
C VAL A 248 28.48 8.83 26.26
N VAL A 249 28.52 9.62 27.34
CA VAL A 249 29.73 9.92 28.06
C VAL A 249 29.72 9.07 29.32
N VAL A 250 30.78 8.29 29.52
CA VAL A 250 30.77 7.28 30.55
C VAL A 250 32.05 7.42 31.39
N PRO A 251 32.04 6.96 32.65
CA PRO A 251 33.28 6.87 33.40
C PRO A 251 34.27 5.85 32.80
N SER A 252 35.51 6.30 32.67
CA SER A 252 36.66 5.48 32.28
C SER A 252 36.61 4.16 33.06
N GLY A 253 36.61 3.04 32.33
CA GLY A 253 36.58 1.70 32.91
C GLY A 253 35.25 0.98 32.82
N GLN A 254 34.14 1.71 32.61
CA GLN A 254 32.81 1.08 32.58
C GLN A 254 32.37 0.71 31.16
N GLU A 255 33.23 0.86 30.16
CA GLU A 255 32.87 0.63 28.74
C GLU A 255 32.16 -0.70 28.53
N GLN A 256 32.61 -1.77 29.22
CA GLN A 256 32.05 -3.11 28.96
C GLN A 256 30.63 -3.24 29.52
N ARG A 257 30.18 -2.29 30.37
CA ARG A 257 28.77 -2.24 30.82
C ARG A 257 27.83 -1.73 29.74
N TYR A 258 28.36 -1.08 28.68
CA TYR A 258 27.60 -0.37 27.66
C TYR A 258 27.54 -1.19 26.36
N THR A 259 26.30 -1.34 25.84
CA THR A 259 25.95 -2.00 24.59
C THR A 259 25.12 -1.06 23.72
N CYS A 260 25.42 -1.10 22.41
CA CYS A 260 24.62 -0.41 21.40
C CYS A 260 23.70 -1.41 20.69
N HIS A 261 22.50 -0.93 20.35
CA HIS A 261 21.40 -1.74 19.82
C HIS A 261 20.88 -1.08 18.53
N VAL A 262 20.79 -1.89 17.46
CA VAL A 262 20.46 -1.40 16.15
C VAL A 262 19.33 -2.25 15.57
N GLN A 263 18.31 -1.55 15.06
CA GLN A 263 17.20 -2.14 14.35
C GLN A 263 17.03 -1.35 13.05
N HIS A 264 17.01 -2.10 11.96
CA HIS A 264 16.83 -1.59 10.61
C HIS A 264 16.20 -2.74 9.81
N GLU A 265 15.40 -2.39 8.80
CA GLU A 265 14.70 -3.41 7.98
C GLU A 265 15.66 -4.35 7.23
N GLY A 266 16.88 -3.89 6.90
CA GLY A 266 17.96 -4.70 6.24
C GLY A 266 18.70 -5.67 7.15
N LEU A 267 18.45 -5.61 8.47
CA LEU A 267 18.97 -6.56 9.43
C LEU A 267 17.99 -7.73 9.57
N PRO A 268 18.45 -9.01 9.57
CA PRO A 268 17.56 -10.14 9.83
C PRO A 268 17.04 -10.15 11.27
N LYS A 269 17.89 -9.69 12.21
CA LYS A 269 17.58 -9.62 13.64
C LYS A 269 18.11 -8.29 14.18
N PRO A 270 17.53 -7.70 15.25
CA PRO A 270 18.18 -6.61 15.98
C PRO A 270 19.63 -6.97 16.38
N LEU A 271 20.55 -6.04 16.15
CA LEU A 271 21.99 -6.27 16.41
C LEU A 271 22.38 -5.60 17.73
N THR A 272 23.25 -6.26 18.46
CA THR A 272 23.90 -5.74 19.68
C THR A 272 25.42 -5.65 19.48
N LEU A 273 26.01 -4.47 19.66
CA LEU A 273 27.44 -4.27 19.61
C LEU A 273 27.95 -4.12 21.05
N ARG A 274 29.07 -4.77 21.33
CA ARG A 274 29.64 -4.83 22.66
C ARG A 274 31.10 -4.40 22.61
N TRP A 275 31.63 -4.04 23.79
CA TRP A 275 33.02 -3.82 23.94
C TRP A 275 33.66 -5.14 24.43
N GLU A 276 33.91 -6.08 23.50
CA GLU A 276 34.05 -7.55 23.76
C GLU A 276 35.15 -8.19 22.91
N MET B 1 6.55 35.20 16.76
N MET B 1 6.21 34.20 14.45
CA MET B 1 6.55 34.11 15.70
CA MET B 1 6.51 34.15 15.92
C MET B 1 7.38 32.92 16.20
C MET B 1 7.35 32.91 16.27
N ILE B 2 6.95 31.71 15.81
CA ILE B 2 7.73 30.49 16.05
C ILE B 2 9.09 30.67 15.38
N GLN B 3 10.13 30.25 16.11
CA GLN B 3 11.44 30.13 15.62
C GLN B 3 12.02 28.83 16.19
N ARG B 4 12.73 28.09 15.34
N ARG B 4 12.71 28.08 15.33
CA ARG B 4 13.44 26.90 15.77
CA ARG B 4 13.41 26.86 15.75
C ARG B 4 14.89 26.96 15.25
C ARG B 4 14.88 26.94 15.26
N THR B 5 15.80 26.59 16.14
CA THR B 5 17.24 26.68 15.91
C THR B 5 17.73 25.56 14.99
N PRO B 6 18.54 25.84 13.96
CA PRO B 6 19.15 24.76 13.15
C PRO B 6 20.06 23.83 13.97
N LYS B 7 19.86 22.53 13.79
CA LYS B 7 20.81 21.49 14.21
C LYS B 7 21.82 21.24 13.08
N ILE B 8 23.09 21.46 13.37
CA ILE B 8 24.17 21.49 12.35
C ILE B 8 25.01 20.21 12.51
N GLN B 9 25.16 19.42 11.43
CA GLN B 9 26.15 18.35 11.35
C GLN B 9 27.08 18.57 10.15
N VAL B 10 28.41 18.58 10.35
CA VAL B 10 29.42 18.60 9.34
C VAL B 10 30.12 17.23 9.33
N TYR B 11 30.17 16.57 8.17
CA TYR B 11 30.68 15.21 8.10
C TYR B 11 31.05 14.87 6.65
N SER B 12 31.79 13.79 6.48
CA SER B 12 32.18 13.32 5.14
C SER B 12 31.16 12.28 4.70
N ARG B 13 31.08 12.09 3.40
CA ARG B 13 30.24 11.03 2.86
C ARG B 13 30.84 9.66 3.24
N HIS B 14 32.17 9.53 3.08
CA HIS B 14 32.97 8.33 3.22
C HIS B 14 33.97 8.52 4.35
N PRO B 15 34.44 7.43 5.00
CA PRO B 15 35.50 7.60 6.01
C PRO B 15 36.70 8.31 5.37
N ALA B 16 37.21 9.37 5.99
CA ALA B 16 38.23 10.21 5.38
C ALA B 16 39.56 9.46 5.29
N GLU B 17 40.24 9.56 4.15
CA GLU B 17 41.64 9.20 3.96
C GLU B 17 42.37 10.38 3.34
N ASN B 18 43.43 10.87 3.99
CA ASN B 18 44.17 11.99 3.47
C ASN B 18 44.58 11.73 2.02
N GLY B 19 44.36 12.71 1.13
CA GLY B 19 44.79 12.67 -0.24
C GLY B 19 43.77 12.00 -1.14
N LYS B 20 42.67 11.49 -0.56
CA LYS B 20 41.68 10.78 -1.29
C LYS B 20 40.42 11.68 -1.33
N SER B 21 40.06 12.10 -2.55
CA SER B 21 38.80 12.87 -2.83
C SER B 21 37.58 12.21 -2.17
N ASN B 22 36.67 13.06 -1.69
CA ASN B 22 35.56 12.66 -0.81
C ASN B 22 34.50 13.74 -1.01
N PHE B 23 33.49 13.76 -0.14
CA PHE B 23 32.40 14.74 -0.22
C PHE B 23 32.20 15.26 1.19
N LEU B 24 32.27 16.56 1.33
CA LEU B 24 31.97 17.28 2.61
C LEU B 24 30.49 17.70 2.65
N ASN B 25 29.79 17.28 3.71
CA ASN B 25 28.37 17.53 3.99
C ASN B 25 28.22 18.48 5.19
N CYS B 26 27.36 19.49 5.04
CA CYS B 26 26.80 20.23 6.15
C CYS B 26 25.29 20.05 6.10
N TYR B 27 24.76 19.31 7.07
CA TYR B 27 23.37 19.04 7.12
C TYR B 27 22.73 19.88 8.25
N VAL B 28 21.79 20.76 7.87
N VAL B 28 21.76 20.71 7.87
CA VAL B 28 21.12 21.62 8.82
CA VAL B 28 21.12 21.63 8.77
C VAL B 28 19.64 21.24 8.80
C VAL B 28 19.63 21.26 8.79
N SER B 29 19.11 20.91 9.98
CA SER B 29 17.77 20.38 10.16
C SER B 29 17.06 21.05 11.35
N GLY B 30 15.74 20.91 11.40
CA GLY B 30 14.99 21.34 12.59
C GLY B 30 14.74 22.83 12.68
N PHE B 31 14.87 23.61 11.59
CA PHE B 31 14.86 25.06 11.71
C PHE B 31 13.56 25.68 11.15
N HIS B 32 13.31 26.90 11.60
CA HIS B 32 12.11 27.71 11.21
C HIS B 32 12.34 29.13 11.68
N PRO B 33 12.06 30.14 10.84
CA PRO B 33 11.62 30.09 9.45
C PRO B 33 12.71 29.57 8.49
N SER B 34 12.46 29.64 7.17
CA SER B 34 13.23 28.90 6.19
C SER B 34 14.50 29.65 5.76
N ASP B 35 14.59 30.98 5.96
CA ASP B 35 15.78 31.74 5.54
C ASP B 35 17.00 31.33 6.39
N ILE B 36 18.05 30.92 5.69
CA ILE B 36 19.25 30.44 6.36
C ILE B 36 20.45 30.67 5.43
N GLU B 37 21.61 30.94 6.03
CA GLU B 37 22.87 31.09 5.34
C GLU B 37 23.77 29.92 5.75
N VAL B 38 24.22 29.10 4.79
CA VAL B 38 25.14 27.96 5.12
C VAL B 38 26.31 28.08 4.15
N ASP B 39 27.54 28.03 4.71
CA ASP B 39 28.75 28.06 3.94
C ASP B 39 29.67 26.95 4.46
N LEU B 40 30.31 26.24 3.54
CA LEU B 40 31.37 25.28 3.84
C LEU B 40 32.69 26.07 3.74
N LEU B 41 33.58 25.82 4.71
CA LEU B 41 34.78 26.63 4.85
C LEU B 41 35.99 25.67 4.71
N LYS B 42 37.02 26.14 4.01
CA LYS B 42 38.37 25.51 4.05
C LYS B 42 39.36 26.53 4.57
N ASN B 43 40.03 26.22 5.68
CA ASN B 43 40.96 27.13 6.34
C ASN B 43 40.31 28.51 6.44
N GLY B 44 39.04 28.52 6.82
CA GLY B 44 38.35 29.73 7.22
C GLY B 44 37.71 30.49 6.07
N GLU B 45 37.88 30.02 4.82
CA GLU B 45 37.39 30.71 3.62
C GLU B 45 36.27 29.90 2.95
N ARG B 46 35.27 30.65 2.50
CA ARG B 46 34.13 30.10 1.89
C ARG B 46 34.51 29.34 0.62
N ILE B 47 33.96 28.12 0.47
CA ILE B 47 34.08 27.31 -0.73
C ILE B 47 32.98 27.73 -1.71
N GLU B 48 33.38 28.24 -2.89
CA GLU B 48 32.48 28.90 -3.82
C GLU B 48 31.62 27.89 -4.60
N LYS B 49 32.06 26.65 -4.78
CA LYS B 49 31.35 25.74 -5.68
C LYS B 49 30.15 25.00 -5.03
N VAL B 50 29.81 25.34 -3.78
CA VAL B 50 28.95 24.50 -2.95
C VAL B 50 27.54 24.36 -3.57
N GLU B 51 26.98 23.15 -3.48
CA GLU B 51 25.63 22.89 -3.92
C GLU B 51 24.76 22.63 -2.68
N HIS B 52 23.44 22.72 -2.88
CA HIS B 52 22.50 22.40 -1.81
C HIS B 52 21.29 21.69 -2.38
N SER B 53 20.68 20.86 -1.55
CA SER B 53 19.43 20.26 -1.78
C SER B 53 18.30 21.31 -1.86
N ASP B 54 17.19 20.89 -2.47
CA ASP B 54 15.97 21.61 -2.56
C ASP B 54 15.27 21.67 -1.18
N LEU B 55 14.73 22.83 -0.81
CA LEU B 55 14.11 23.05 0.53
C LEU B 55 12.95 22.07 0.75
N SER B 56 13.03 21.37 1.87
CA SER B 56 12.01 20.40 2.26
C SER B 56 11.82 20.51 3.78
N PHE B 57 10.92 19.70 4.32
CA PHE B 57 10.62 19.84 5.76
C PHE B 57 10.06 18.51 6.29
N SER B 58 10.14 18.36 7.62
CA SER B 58 9.77 17.17 8.32
C SER B 58 8.31 17.25 8.78
N LYS B 59 7.85 16.19 9.47
CA LYS B 59 6.44 16.10 9.88
C LYS B 59 6.10 17.24 10.85
N ASP B 60 7.05 17.74 11.63
CA ASP B 60 6.81 18.79 12.61
C ASP B 60 6.92 20.16 11.94
N TRP B 61 7.04 20.19 10.60
CA TRP B 61 7.10 21.41 9.74
C TRP B 61 8.49 22.09 9.76
N SER B 62 9.46 21.56 10.49
CA SER B 62 10.74 22.19 10.52
C SER B 62 11.48 21.83 9.21
N PHE B 63 12.32 22.77 8.74
CA PHE B 63 13.04 22.65 7.47
C PHE B 63 14.36 21.90 7.64
N TYR B 64 14.81 21.33 6.52
CA TYR B 64 16.12 20.70 6.43
C TYR B 64 16.72 20.96 5.03
N LEU B 65 18.05 21.16 5.05
CA LEU B 65 18.85 21.33 3.81
C LEU B 65 20.18 20.60 3.95
N LEU B 66 20.70 20.11 2.81
CA LEU B 66 22.04 19.54 2.74
C LEU B 66 22.88 20.43 1.83
N TYR B 67 23.99 20.94 2.38
CA TYR B 67 25.01 21.65 1.57
C TYR B 67 26.21 20.70 1.39
N TYR B 68 26.75 20.66 0.17
CA TYR B 68 27.76 19.66 -0.10
C TYR B 68 28.73 20.08 -1.21
N THR B 69 29.91 19.46 -1.19
CA THR B 69 30.94 19.80 -2.13
C THR B 69 31.95 18.66 -2.14
N GLU B 70 32.72 18.53 -3.22
CA GLU B 70 33.84 17.59 -3.22
C GLU B 70 34.93 18.26 -2.37
N PHE B 71 35.68 17.44 -1.60
CA PHE B 71 36.87 17.92 -0.93
C PHE B 71 37.87 16.76 -0.83
N THR B 72 39.12 17.12 -0.52
CA THR B 72 40.18 16.15 -0.26
C THR B 72 40.68 16.37 1.15
N PRO B 73 40.35 15.50 2.11
CA PRO B 73 40.91 15.67 3.45
C PRO B 73 42.43 15.52 3.37
N THR B 74 43.10 16.32 4.19
CA THR B 74 44.54 16.35 4.37
C THR B 74 44.84 16.43 5.87
N GLU B 75 46.13 16.35 6.20
CA GLU B 75 46.55 16.42 7.56
C GLU B 75 46.26 17.82 8.12
N LYS B 76 46.60 18.85 7.35
CA LYS B 76 46.69 20.23 7.83
C LYS B 76 45.46 21.08 7.47
N ASP B 77 44.68 20.74 6.44
CA ASP B 77 43.52 21.59 6.06
C ASP B 77 42.40 21.42 7.09
N GLU B 78 41.77 22.55 7.45
CA GLU B 78 40.73 22.64 8.44
C GLU B 78 39.42 22.96 7.70
N TYR B 79 38.45 22.07 7.87
CA TYR B 79 37.13 22.25 7.20
C TYR B 79 36.09 22.53 8.26
N ALA B 80 35.09 23.33 7.89
CA ALA B 80 34.08 23.68 8.79
C ALA B 80 32.82 24.04 8.02
N CYS B 81 31.75 24.13 8.78
CA CYS B 81 30.46 24.70 8.33
C CYS B 81 30.07 25.94 9.16
N ARG B 82 29.72 27.05 8.47
CA ARG B 82 29.21 28.28 9.08
C ARG B 82 27.72 28.42 8.76
N VAL B 83 26.91 28.56 9.80
CA VAL B 83 25.49 28.73 9.67
C VAL B 83 25.05 30.02 10.37
N ASN B 84 24.15 30.76 9.69
CA ASN B 84 23.49 31.88 10.29
C ASN B 84 21.98 31.79 10.04
N HIS B 85 21.23 32.21 11.04
CA HIS B 85 19.77 32.08 11.10
C HIS B 85 19.25 33.05 12.16
N VAL B 86 17.99 33.50 12.03
CA VAL B 86 17.40 34.48 12.96
C VAL B 86 17.61 34.07 14.44
N THR B 87 17.58 32.77 14.76
CA THR B 87 17.74 32.25 16.11
C THR B 87 19.16 32.44 16.67
N LEU B 88 20.13 32.77 15.83
CA LEU B 88 21.54 32.83 16.22
C LEU B 88 21.99 34.29 16.30
N SER B 89 22.61 34.68 17.43
CA SER B 89 23.04 36.06 17.63
C SER B 89 24.23 36.40 16.72
N GLN B 90 25.00 35.38 16.33
N GLN B 90 25.00 35.38 16.33
CA GLN B 90 26.11 35.50 15.41
CA GLN B 90 26.15 35.48 15.44
C GLN B 90 26.28 34.15 14.70
C GLN B 90 26.27 34.16 14.70
N PRO B 91 26.91 34.10 13.51
CA PRO B 91 27.06 32.83 12.82
C PRO B 91 27.73 31.80 13.75
N LYS B 92 27.27 30.56 13.62
CA LYS B 92 27.81 29.44 14.32
C LYS B 92 28.73 28.66 13.38
N ILE B 93 29.96 28.34 13.85
CA ILE B 93 30.95 27.59 13.06
C ILE B 93 31.17 26.26 13.77
N VAL B 94 30.85 25.19 13.04
CA VAL B 94 31.07 23.81 13.49
C VAL B 94 32.21 23.21 12.67
N LYS B 95 33.26 22.79 13.37
CA LYS B 95 34.48 22.26 12.76
C LYS B 95 34.25 20.79 12.38
N TRP B 96 34.69 20.39 11.20
CA TRP B 96 34.69 18.96 10.84
C TRP B 96 35.73 18.24 11.70
N ASP B 97 35.30 17.16 12.39
CA ASP B 97 36.12 16.29 13.21
C ASP B 97 35.97 14.87 12.67
N ARG B 98 37.01 14.43 11.96
CA ARG B 98 37.08 13.13 11.28
C ARG B 98 37.18 11.92 12.25
N ASP B 99 37.51 12.16 13.53
CA ASP B 99 37.80 11.03 14.50
C ASP B 99 36.55 10.64 15.29
N MET B 100 35.36 11.11 14.87
CA MET B 100 34.16 10.81 15.65
C MET B 100 33.77 9.33 15.51
N GLY C 2 -7.50 1.42 -17.60
CA GLY C 2 -7.10 1.17 -16.18
C GLY C 2 -6.18 -0.03 -16.11
N SER C 3 -5.83 -0.42 -14.88
CA SER C 3 -4.88 -1.48 -14.60
C SER C 3 -5.58 -2.82 -14.76
N HIS C 4 -4.78 -3.87 -14.95
CA HIS C 4 -5.30 -5.21 -15.16
C HIS C 4 -4.35 -6.23 -14.53
N SER C 5 -4.87 -7.43 -14.29
CA SER C 5 -4.16 -8.53 -13.74
C SER C 5 -4.55 -9.86 -14.43
N MET C 6 -3.65 -10.85 -14.33
CA MET C 6 -3.95 -12.24 -14.63
C MET C 6 -3.55 -13.10 -13.44
N ARG C 7 -4.41 -14.04 -13.06
CA ARG C 7 -4.10 -14.93 -11.96
C ARG C 7 -4.49 -16.34 -12.35
N TYR C 8 -3.61 -17.31 -12.00
CA TYR C 8 -3.94 -18.71 -11.96
C TYR C 8 -4.07 -19.19 -10.50
N PHE C 9 -5.07 -20.03 -10.28
CA PHE C 9 -5.38 -20.62 -8.94
C PHE C 9 -5.39 -22.13 -9.04
N PHE C 10 -4.51 -22.81 -8.28
N PHE C 10 -4.58 -22.78 -8.19
CA PHE C 10 -4.53 -24.29 -8.23
CA PHE C 10 -4.47 -24.24 -8.15
C PHE C 10 -4.91 -24.76 -6.83
C PHE C 10 -4.93 -24.72 -6.77
N THR C 11 -5.78 -25.76 -6.78
CA THR C 11 -6.22 -26.42 -5.55
C THR C 11 -5.98 -27.92 -5.71
N SER C 12 -5.22 -28.49 -4.78
CA SER C 12 -4.88 -29.89 -4.70
C SER C 12 -5.36 -30.46 -3.35
N VAL C 13 -6.17 -31.54 -3.37
CA VAL C 13 -6.74 -32.14 -2.17
C VAL C 13 -6.52 -33.65 -2.18
N SER C 14 -5.79 -34.13 -1.16
CA SER C 14 -5.58 -35.57 -0.96
C SER C 14 -6.92 -36.19 -0.54
N ARG C 15 -7.12 -37.44 -0.96
CA ARG C 15 -8.22 -38.27 -0.48
C ARG C 15 -7.70 -39.69 -0.34
N PRO C 16 -6.84 -39.95 0.66
CA PRO C 16 -6.22 -41.24 0.83
C PRO C 16 -7.24 -42.39 0.84
N GLY C 17 -6.94 -43.39 0.01
CA GLY C 17 -7.73 -44.60 -0.13
C GLY C 17 -8.87 -44.44 -1.12
N ARG C 18 -9.07 -43.23 -1.66
CA ARG C 18 -10.17 -42.95 -2.57
C ARG C 18 -9.59 -42.41 -3.88
N GLY C 19 -8.36 -42.85 -4.19
CA GLY C 19 -7.68 -42.58 -5.45
C GLY C 19 -6.69 -41.44 -5.35
N GLU C 20 -6.32 -40.93 -6.53
N GLU C 20 -6.26 -40.95 -6.51
CA GLU C 20 -5.37 -39.84 -6.73
CA GLU C 20 -5.25 -39.89 -6.60
C GLU C 20 -5.93 -38.55 -6.14
C GLU C 20 -5.89 -38.57 -6.17
N PRO C 21 -5.09 -37.62 -5.63
CA PRO C 21 -5.61 -36.33 -5.19
C PRO C 21 -6.44 -35.60 -6.27
N ARG C 22 -7.41 -34.81 -5.83
CA ARG C 22 -8.13 -33.90 -6.74
C ARG C 22 -7.23 -32.72 -7.08
N PHE C 23 -7.22 -32.30 -8.35
CA PHE C 23 -6.53 -31.09 -8.73
C PHE C 23 -7.46 -30.24 -9.60
N ILE C 24 -7.69 -28.99 -9.19
CA ILE C 24 -8.52 -28.02 -9.97
C ILE C 24 -7.68 -26.78 -10.24
N ALA C 25 -7.60 -26.36 -11.50
CA ALA C 25 -6.93 -25.18 -11.88
C ALA C 25 -7.94 -24.24 -12.58
N VAL C 26 -7.89 -22.97 -12.21
CA VAL C 26 -8.67 -21.94 -12.90
C VAL C 26 -7.75 -20.75 -13.20
N GLY C 27 -8.10 -20.02 -14.26
CA GLY C 27 -7.40 -18.89 -14.78
C GLY C 27 -8.34 -17.72 -14.90
N TYR C 28 -7.92 -16.52 -14.46
CA TYR C 28 -8.74 -15.33 -14.51
C TYR C 28 -7.93 -14.19 -15.14
N VAL C 29 -8.62 -13.32 -15.85
CA VAL C 29 -8.15 -12.00 -16.16
C VAL C 29 -9.05 -11.02 -15.41
N ASP C 30 -8.48 -10.18 -14.56
CA ASP C 30 -9.30 -9.37 -13.62
C ASP C 30 -10.31 -10.29 -12.92
N ASP C 31 -11.62 -9.96 -12.95
CA ASP C 31 -12.67 -10.76 -12.31
C ASP C 31 -13.39 -11.69 -13.31
N THR C 32 -12.78 -11.92 -14.48
CA THR C 32 -13.39 -12.79 -15.49
C THR C 32 -12.60 -14.10 -15.61
N GLN C 33 -13.25 -15.24 -15.31
CA GLN C 33 -12.63 -16.55 -15.50
C GLN C 33 -12.56 -16.91 -16.99
N PHE C 34 -11.46 -17.58 -17.41
CA PHE C 34 -11.31 -17.90 -18.86
C PHE C 34 -10.90 -19.37 -19.14
N VAL C 35 -10.31 -20.09 -18.20
CA VAL C 35 -9.91 -21.49 -18.38
C VAL C 35 -10.15 -22.28 -17.09
N ARG C 36 -10.28 -23.60 -17.26
CA ARG C 36 -10.29 -24.56 -16.14
C ARG C 36 -9.59 -25.88 -16.49
N PHE C 37 -9.15 -26.59 -15.46
CA PHE C 37 -8.78 -27.98 -15.56
C PHE C 37 -9.27 -28.69 -14.31
N ASP C 38 -10.03 -29.78 -14.52
CA ASP C 38 -10.45 -30.59 -13.37
C ASP C 38 -9.94 -32.01 -13.58
N SER C 39 -9.06 -32.48 -12.67
CA SER C 39 -8.44 -33.82 -12.77
C SER C 39 -9.49 -34.95 -12.76
N ASP C 40 -10.69 -34.71 -12.21
CA ASP C 40 -11.76 -35.72 -12.08
C ASP C 40 -12.65 -35.77 -13.33
N ALA C 41 -12.57 -34.77 -14.20
CA ALA C 41 -13.45 -34.66 -15.39
C ALA C 41 -13.01 -35.66 -16.47
N ALA C 42 -13.96 -36.08 -17.33
CA ALA C 42 -13.72 -37.02 -18.43
C ALA C 42 -12.73 -36.46 -19.47
N SER C 43 -12.76 -35.16 -19.76
CA SER C 43 -12.02 -34.64 -20.89
C SER C 43 -10.50 -34.79 -20.71
N GLN C 44 -9.97 -34.60 -19.49
CA GLN C 44 -8.53 -34.47 -19.24
C GLN C 44 -7.93 -33.38 -20.15
N ARG C 45 -8.64 -32.27 -20.34
CA ARG C 45 -8.16 -31.14 -21.10
C ARG C 45 -8.37 -29.86 -20.28
N MET C 46 -7.48 -28.90 -20.46
CA MET C 46 -7.76 -27.53 -20.11
C MET C 46 -8.87 -27.10 -21.06
N GLU C 47 -9.90 -26.43 -20.51
CA GLU C 47 -11.13 -26.07 -21.22
C GLU C 47 -11.36 -24.58 -21.19
N PRO C 48 -11.93 -24.00 -22.29
CA PRO C 48 -12.35 -22.61 -22.30
C PRO C 48 -13.55 -22.34 -21.38
N ARG C 49 -13.50 -21.20 -20.69
CA ARG C 49 -14.59 -20.72 -19.81
C ARG C 49 -14.96 -19.26 -20.11
N ALA C 50 -14.49 -18.72 -21.22
CA ALA C 50 -14.79 -17.37 -21.68
C ALA C 50 -14.79 -17.39 -23.20
N PRO C 51 -15.76 -16.65 -23.82
CA PRO C 51 -15.93 -16.69 -25.27
C PRO C 51 -14.64 -16.36 -26.04
N TRP C 52 -13.86 -15.41 -25.53
CA TRP C 52 -12.72 -14.86 -26.21
C TRP C 52 -11.46 -15.77 -26.16
N ILE C 53 -11.45 -16.81 -25.34
CA ILE C 53 -10.32 -17.71 -25.34
C ILE C 53 -10.58 -18.85 -26.33
N GLU C 54 -11.83 -19.03 -26.78
CA GLU C 54 -12.21 -20.22 -27.62
C GLU C 54 -11.42 -20.23 -28.93
N GLN C 55 -11.06 -19.04 -29.41
CA GLN C 55 -10.33 -18.85 -30.67
C GLN C 55 -8.88 -19.36 -30.63
N GLU C 56 -8.31 -19.59 -29.43
CA GLU C 56 -6.98 -20.09 -29.32
C GLU C 56 -6.87 -21.43 -30.03
N GLY C 57 -5.75 -21.61 -30.73
CA GLY C 57 -5.40 -22.78 -31.53
C GLY C 57 -5.22 -24.07 -30.75
N PRO C 58 -5.11 -25.20 -31.45
CA PRO C 58 -4.76 -26.46 -30.78
C PRO C 58 -3.38 -26.52 -30.11
N GLU C 59 -2.39 -25.76 -30.58
CA GLU C 59 -1.11 -25.63 -29.88
C GLU C 59 -1.35 -25.06 -28.47
N TYR C 60 -2.27 -24.10 -28.37
CA TYR C 60 -2.59 -23.50 -27.09
C TYR C 60 -3.15 -24.56 -26.13
N TRP C 61 -4.20 -25.28 -26.58
CA TRP C 61 -4.96 -26.25 -25.69
C TRP C 61 -4.03 -27.41 -25.34
N ASP C 62 -3.29 -27.89 -26.36
CA ASP C 62 -2.25 -28.97 -26.09
C ASP C 62 -1.21 -28.52 -25.06
N GLY C 63 -0.65 -27.32 -25.21
CA GLY C 63 0.43 -26.82 -24.37
C GLY C 63 -0.06 -26.60 -22.94
N GLU C 64 -1.24 -25.97 -22.82
CA GLU C 64 -1.84 -25.63 -21.54
C GLU C 64 -2.22 -26.92 -20.81
N THR C 65 -2.79 -27.89 -21.53
CA THR C 65 -3.16 -29.17 -20.95
C THR C 65 -1.89 -29.86 -20.42
N ARG C 66 -0.83 -29.91 -21.22
CA ARG C 66 0.45 -30.60 -20.83
C ARG C 66 0.96 -29.95 -19.54
N LYS C 67 0.98 -28.60 -19.52
N LYS C 67 0.97 -28.61 -19.51
CA LYS C 67 1.59 -27.86 -18.42
CA LYS C 67 1.57 -27.83 -18.42
C LYS C 67 0.80 -28.04 -17.12
C LYS C 67 0.79 -28.03 -17.10
N VAL C 68 -0.54 -27.89 -17.18
CA VAL C 68 -1.42 -27.99 -15.97
C VAL C 68 -1.38 -29.45 -15.42
N LYS C 69 -1.32 -30.44 -16.31
CA LYS C 69 -1.17 -31.84 -15.88
C LYS C 69 0.16 -32.03 -15.13
N ALA C 70 1.24 -31.42 -15.63
CA ALA C 70 2.58 -31.54 -15.00
C ALA C 70 2.54 -30.88 -13.60
N HIS C 71 1.81 -29.76 -13.47
CA HIS C 71 1.55 -29.13 -12.19
C HIS C 71 0.75 -30.06 -11.27
N SER C 72 -0.28 -30.76 -11.80
CA SER C 72 -1.07 -31.71 -10.98
C SER C 72 -0.11 -32.75 -10.37
N GLN C 73 0.83 -33.23 -11.18
CA GLN C 73 1.75 -34.30 -10.76
C GLN C 73 2.70 -33.79 -9.66
N THR C 74 3.23 -32.57 -9.78
N THR C 74 3.29 -32.59 -9.82
CA THR C 74 4.15 -32.04 -8.74
CA THR C 74 4.13 -32.04 -8.73
C THR C 74 3.39 -31.80 -7.43
C THR C 74 3.30 -32.00 -7.44
N HIS C 75 2.13 -31.34 -7.50
CA HIS C 75 1.33 -31.13 -6.31
C HIS C 75 0.98 -32.48 -5.65
N ARG C 76 0.82 -33.53 -6.46
CA ARG C 76 0.53 -34.85 -5.96
C ARG C 76 1.69 -35.28 -5.04
N VAL C 77 2.91 -35.06 -5.49
N VAL C 77 2.92 -35.12 -5.54
CA VAL C 77 4.09 -35.50 -4.74
CA VAL C 77 4.18 -35.44 -4.80
C VAL C 77 4.30 -34.55 -3.55
C VAL C 77 4.30 -34.55 -3.56
N ASP C 78 4.01 -33.26 -3.71
CA ASP C 78 4.08 -32.29 -2.60
C ASP C 78 3.20 -32.69 -1.39
N LEU C 79 2.03 -33.29 -1.64
CA LEU C 79 1.11 -33.67 -0.57
C LEU C 79 1.81 -34.70 0.32
N GLY C 80 2.59 -35.60 -0.29
CA GLY C 80 3.39 -36.58 0.46
C GLY C 80 4.47 -35.92 1.29
N THR C 81 5.25 -35.02 0.69
CA THR C 81 6.34 -34.33 1.37
C THR C 81 5.82 -33.57 2.58
N LEU C 82 4.72 -32.85 2.38
CA LEU C 82 4.14 -31.99 3.38
C LEU C 82 3.61 -32.82 4.54
N ARG C 83 2.91 -33.93 4.24
N ARG C 83 2.93 -33.93 4.25
CA ARG C 83 2.38 -34.83 5.28
CA ARG C 83 2.40 -34.84 5.27
C ARG C 83 3.52 -35.36 6.16
C ARG C 83 3.52 -35.40 6.16
N GLY C 84 4.61 -35.80 5.50
CA GLY C 84 5.83 -36.25 6.21
C GLY C 84 6.41 -35.17 7.09
N CYS C 85 6.55 -33.94 6.55
CA CYS C 85 7.19 -32.89 7.29
C CYS C 85 6.39 -32.49 8.54
N TYR C 86 5.07 -32.35 8.41
CA TYR C 86 4.19 -32.01 9.52
C TYR C 86 3.92 -33.24 10.41
N ASN C 87 4.41 -34.41 10.02
CA ASN C 87 4.23 -35.68 10.75
C ASN C 87 2.74 -36.00 10.90
N GLN C 88 1.96 -35.80 9.82
CA GLN C 88 0.54 -36.08 9.85
C GLN C 88 0.24 -37.51 9.41
N SER C 89 -0.92 -37.99 9.89
N SER C 89 -0.95 -38.02 9.80
CA SER C 89 -1.38 -39.31 9.57
CA SER C 89 -1.38 -39.41 9.49
C SER C 89 -1.61 -39.43 8.06
C SER C 89 -1.47 -39.66 7.98
N GLU C 90 -1.42 -40.67 7.54
N GLU C 90 -1.36 -40.93 7.55
CA GLU C 90 -1.59 -41.01 6.13
CA GLU C 90 -1.57 -41.26 6.12
C GLU C 90 -3.07 -40.98 5.72
C GLU C 90 -3.05 -41.16 5.73
N ALA C 91 -3.96 -41.11 6.71
CA ALA C 91 -5.40 -41.27 6.46
C ALA C 91 -6.12 -39.97 6.06
N GLY C 92 -5.64 -38.85 6.59
CA GLY C 92 -6.39 -37.60 6.54
C GLY C 92 -6.26 -36.91 5.19
N SER C 93 -7.30 -36.16 4.82
CA SER C 93 -7.27 -35.26 3.70
C SER C 93 -6.59 -33.93 4.06
N HIS C 94 -5.74 -33.44 3.14
CA HIS C 94 -5.08 -32.16 3.24
C HIS C 94 -5.19 -31.40 1.92
N THR C 95 -4.99 -30.09 2.03
CA THR C 95 -5.16 -29.17 0.93
C THR C 95 -3.88 -28.38 0.68
N VAL C 96 -3.44 -28.41 -0.57
CA VAL C 96 -2.45 -27.46 -1.08
C VAL C 96 -3.11 -26.50 -2.06
N GLN C 97 -2.70 -25.25 -2.00
CA GLN C 97 -3.16 -24.20 -2.90
C GLN C 97 -1.97 -23.39 -3.40
N ARG C 98 -2.06 -23.00 -4.67
CA ARG C 98 -1.07 -22.21 -5.32
C ARG C 98 -1.77 -21.09 -6.09
N MET C 99 -1.18 -19.89 -6.07
N MET C 99 -1.24 -19.87 -5.97
CA MET C 99 -1.73 -18.68 -6.67
CA MET C 99 -1.67 -18.73 -6.76
C MET C 99 -0.55 -17.91 -7.28
C MET C 99 -0.44 -18.12 -7.41
N TYR C 100 -0.66 -17.51 -8.55
CA TYR C 100 0.38 -16.80 -9.19
C TYR C 100 -0.21 -15.94 -10.31
N GLY C 101 0.57 -14.94 -10.69
CA GLY C 101 0.21 -14.05 -11.77
C GLY C 101 0.89 -12.70 -11.71
N CYS C 102 0.36 -11.78 -12.51
CA CYS C 102 0.99 -10.53 -12.85
C CYS C 102 -0.05 -9.41 -12.88
N ASP C 103 0.44 -8.21 -12.55
CA ASP C 103 -0.33 -6.99 -12.60
C ASP C 103 0.38 -6.07 -13.57
N VAL C 104 -0.40 -5.35 -14.37
CA VAL C 104 0.02 -4.28 -15.25
C VAL C 104 -0.84 -3.05 -14.97
N GLY C 105 -0.24 -1.88 -15.26
CA GLY C 105 -0.82 -0.59 -15.21
C GLY C 105 -1.67 -0.30 -16.44
N SER C 106 -2.14 0.95 -16.53
CA SER C 106 -3.07 1.34 -17.58
C SER C 106 -2.37 1.35 -18.95
N ASP C 107 -1.02 1.38 -18.97
CA ASP C 107 -0.22 1.28 -20.20
C ASP C 107 0.04 -0.19 -20.60
N TRP C 108 -0.51 -1.15 -19.83
CA TRP C 108 -0.34 -2.59 -20.02
C TRP C 108 1.13 -3.02 -19.78
N ARG C 109 1.91 -2.20 -19.05
CA ARG C 109 3.30 -2.60 -18.70
C ARG C 109 3.34 -3.23 -17.29
N PHE C 110 4.36 -4.08 -17.06
CA PHE C 110 4.48 -4.88 -15.84
C PHE C 110 4.61 -3.97 -14.60
N LEU C 111 3.91 -4.31 -13.52
CA LEU C 111 4.04 -3.59 -12.23
C LEU C 111 4.52 -4.55 -11.13
N ARG C 112 3.91 -5.74 -11.05
CA ARG C 112 4.11 -6.73 -9.97
C ARG C 112 3.91 -8.15 -10.49
N GLY C 113 4.67 -9.10 -9.92
CA GLY C 113 4.43 -10.54 -10.02
C GLY C 113 4.18 -11.15 -8.66
N TYR C 114 3.55 -12.32 -8.63
CA TYR C 114 3.13 -12.99 -7.39
C TYR C 114 3.25 -14.49 -7.57
N HIS C 115 3.73 -15.20 -6.54
CA HIS C 115 3.77 -16.65 -6.61
C HIS C 115 3.73 -17.23 -5.20
N GLN C 116 2.59 -17.77 -4.81
CA GLN C 116 2.34 -18.10 -3.40
C GLN C 116 1.74 -19.51 -3.28
N TYR C 117 2.10 -20.17 -2.17
CA TYR C 117 1.60 -21.45 -1.78
C TYR C 117 1.03 -21.37 -0.37
N ALA C 118 0.02 -22.20 -0.12
CA ALA C 118 -0.67 -22.37 1.16
C ALA C 118 -0.87 -23.86 1.38
N TYR C 119 -0.73 -24.31 2.64
CA TYR C 119 -1.02 -25.69 3.04
C TYR C 119 -2.07 -25.65 4.17
N ASP C 120 -3.12 -26.45 4.01
CA ASP C 120 -4.26 -26.50 4.93
C ASP C 120 -4.73 -25.10 5.36
N GLY C 121 -4.81 -24.16 4.40
CA GLY C 121 -5.53 -22.90 4.54
C GLY C 121 -4.67 -21.79 5.13
N LYS C 122 -3.35 -22.02 5.26
CA LYS C 122 -2.41 -21.12 5.89
C LYS C 122 -1.25 -20.88 4.92
N ASP C 123 -0.76 -19.65 4.82
CA ASP C 123 0.48 -19.36 4.10
C ASP C 123 1.52 -20.44 4.40
N TYR C 124 2.21 -20.88 3.34
CA TYR C 124 3.26 -21.85 3.42
C TYR C 124 4.57 -21.20 2.97
N ILE C 125 4.67 -20.88 1.65
CA ILE C 125 5.85 -20.17 1.14
C ILE C 125 5.38 -19.23 0.02
N ALA C 126 6.01 -18.06 -0.05
CA ALA C 126 5.70 -17.12 -1.11
C ALA C 126 7.00 -16.48 -1.61
N LEU C 127 6.98 -16.15 -2.90
CA LEU C 127 7.95 -15.37 -3.51
C LEU C 127 7.83 -13.95 -2.95
N LYS C 128 8.96 -13.34 -2.58
CA LYS C 128 8.98 -11.96 -2.14
C LYS C 128 8.78 -11.01 -3.34
N GLU C 129 8.52 -9.75 -3.01
CA GLU C 129 8.19 -8.69 -3.95
C GLU C 129 9.25 -8.59 -5.06
N ASP C 130 10.52 -8.83 -4.74
CA ASP C 130 11.61 -8.67 -5.70
C ASP C 130 11.69 -9.83 -6.69
N LEU C 131 10.96 -10.92 -6.42
CA LEU C 131 10.85 -12.16 -7.25
C LEU C 131 12.18 -12.93 -7.29
N ARG C 132 13.06 -12.70 -6.30
CA ARG C 132 14.35 -13.41 -6.19
C ARG C 132 14.50 -14.19 -4.87
N SER C 133 13.61 -13.96 -3.91
CA SER C 133 13.76 -14.52 -2.56
C SER C 133 12.42 -15.10 -2.10
N TRP C 134 12.45 -15.88 -1.00
CA TRP C 134 11.32 -16.61 -0.47
C TRP C 134 10.99 -16.14 0.94
N THR C 135 9.71 -15.94 1.23
CA THR C 135 9.20 -15.88 2.61
C THR C 135 8.60 -17.24 2.99
N ALA C 136 9.14 -17.82 4.07
CA ALA C 136 8.74 -19.15 4.49
C ALA C 136 8.11 -19.06 5.88
N ALA C 137 6.84 -19.48 5.99
CA ALA C 137 5.98 -19.16 7.13
C ALA C 137 6.32 -19.95 8.41
N ASP C 138 6.88 -21.18 8.31
CA ASP C 138 7.13 -22.13 9.41
C ASP C 138 8.41 -22.93 9.05
N MET C 139 8.80 -23.89 9.90
CA MET C 139 10.05 -24.59 9.67
C MET C 139 9.96 -25.61 8.53
N CYS C 140 8.80 -26.23 8.31
CA CYS C 140 8.59 -27.08 7.15
C CYS C 140 8.81 -26.29 5.85
N ALA C 141 8.34 -25.04 5.79
CA ALA C 141 8.48 -24.20 4.61
C ALA C 141 9.93 -23.75 4.49
N GLN C 142 10.64 -23.57 5.62
CA GLN C 142 12.07 -23.26 5.63
C GLN C 142 12.87 -24.37 4.93
N THR C 143 12.52 -25.64 5.16
CA THR C 143 13.13 -26.80 4.48
C THR C 143 12.91 -26.65 2.97
N THR C 144 11.65 -26.38 2.58
CA THR C 144 11.30 -26.13 1.14
C THR C 144 12.18 -25.03 0.54
N LYS C 145 12.32 -23.91 1.26
CA LYS C 145 13.11 -22.76 0.87
C LYS C 145 14.57 -23.18 0.61
N HIS C 146 15.16 -24.00 1.53
CA HIS C 146 16.55 -24.46 1.35
C HIS C 146 16.70 -25.14 -0.02
N LYS C 147 15.77 -26.08 -0.30
CA LYS C 147 15.73 -26.85 -1.52
C LYS C 147 15.52 -25.93 -2.74
N TRP C 148 14.59 -24.98 -2.63
CA TRP C 148 14.24 -24.07 -3.76
C TRP C 148 15.35 -23.05 -4.03
N GLU C 149 16.04 -22.62 -2.97
CA GLU C 149 17.16 -21.70 -3.12
C GLU C 149 18.33 -22.39 -3.85
N ALA C 150 18.65 -23.62 -3.43
CA ALA C 150 19.75 -24.38 -3.98
C ALA C 150 19.48 -24.76 -5.44
N ALA C 151 18.19 -24.95 -5.81
CA ALA C 151 17.79 -25.38 -7.15
C ALA C 151 17.46 -24.18 -8.03
N HIS C 152 17.55 -22.95 -7.51
CA HIS C 152 17.40 -21.69 -8.26
C HIS C 152 16.01 -21.63 -8.91
N VAL C 153 15.03 -22.10 -8.15
CA VAL C 153 13.60 -22.13 -8.58
C VAL C 153 13.08 -20.74 -8.93
N ALA C 154 13.49 -19.69 -8.18
CA ALA C 154 12.94 -18.35 -8.32
C ALA C 154 13.23 -17.75 -9.71
N GLU C 155 14.37 -18.09 -10.32
CA GLU C 155 14.81 -17.49 -11.60
C GLU C 155 13.78 -17.74 -12.73
N GLN C 156 13.37 -19.00 -12.86
CA GLN C 156 12.43 -19.38 -13.94
C GLN C 156 11.04 -18.79 -13.64
N LEU C 157 10.65 -18.75 -12.35
CA LEU C 157 9.35 -18.16 -11.99
C LEU C 157 9.33 -16.66 -12.30
N ARG C 158 10.44 -15.95 -12.03
CA ARG C 158 10.55 -14.51 -12.28
C ARG C 158 10.43 -14.21 -13.78
N ALA C 159 11.08 -15.06 -14.59
CA ALA C 159 11.03 -14.94 -16.03
C ALA C 159 9.58 -15.06 -16.53
N TYR C 160 8.83 -16.04 -16.02
CA TYR C 160 7.41 -16.22 -16.39
C TYR C 160 6.61 -14.97 -16.03
N LEU C 161 6.81 -14.48 -14.80
CA LEU C 161 5.95 -13.43 -14.24
C LEU C 161 6.24 -12.06 -14.89
N GLU C 162 7.50 -11.76 -15.21
CA GLU C 162 7.86 -10.46 -15.81
C GLU C 162 7.63 -10.43 -17.32
N GLY C 163 7.54 -11.59 -17.96
CA GLY C 163 7.57 -11.68 -19.41
C GLY C 163 6.31 -12.37 -19.91
N THR C 164 6.29 -13.71 -19.84
CA THR C 164 5.26 -14.56 -20.47
C THR C 164 3.88 -14.20 -19.92
N CYS C 165 3.79 -14.04 -18.58
CA CYS C 165 2.51 -13.74 -17.95
C CYS C 165 1.93 -12.47 -18.59
N VAL C 166 2.76 -11.43 -18.74
CA VAL C 166 2.36 -10.12 -19.21
C VAL C 166 2.01 -10.17 -20.71
N GLU C 167 2.79 -10.93 -21.47
CA GLU C 167 2.61 -11.08 -22.91
C GLU C 167 1.23 -11.71 -23.19
N TRP C 168 0.89 -12.78 -22.47
CA TRP C 168 -0.43 -13.41 -22.65
C TRP C 168 -1.53 -12.51 -22.13
N LEU C 169 -1.33 -11.83 -21.00
CA LEU C 169 -2.37 -10.92 -20.50
C LEU C 169 -2.71 -9.85 -21.57
N ARG C 170 -1.70 -9.32 -22.25
CA ARG C 170 -1.85 -8.27 -23.28
C ARG C 170 -2.69 -8.79 -24.45
N ARG C 171 -2.40 -10.01 -24.86
CA ARG C 171 -3.15 -10.74 -25.88
C ARG C 171 -4.61 -10.87 -25.46
N TYR C 172 -4.86 -11.43 -24.26
CA TYR C 172 -6.20 -11.58 -23.78
C TYR C 172 -6.95 -10.24 -23.68
N LEU C 173 -6.33 -9.15 -23.21
CA LEU C 173 -7.04 -7.86 -23.09
C LEU C 173 -7.55 -7.37 -24.46
N GLU C 174 -6.80 -7.66 -25.51
CA GLU C 174 -7.18 -7.30 -26.91
C GLU C 174 -8.25 -8.26 -27.44
N ASN C 175 -8.01 -9.59 -27.34
CA ASN C 175 -8.97 -10.61 -27.88
C ASN C 175 -10.33 -10.54 -27.15
N GLY C 176 -10.28 -10.22 -25.87
CA GLY C 176 -11.45 -10.18 -25.02
C GLY C 176 -11.89 -8.76 -24.74
N LYS C 177 -11.55 -7.80 -25.61
CA LYS C 177 -11.65 -6.38 -25.23
C LYS C 177 -13.09 -5.97 -24.88
N GLU C 178 -14.09 -6.57 -25.54
N GLU C 178 -14.05 -6.59 -25.57
CA GLU C 178 -15.51 -6.23 -25.28
CA GLU C 178 -15.48 -6.36 -25.36
C GLU C 178 -15.91 -6.59 -23.84
C GLU C 178 -15.87 -6.60 -23.88
N THR C 179 -15.40 -7.73 -23.35
CA THR C 179 -15.63 -8.23 -21.99
C THR C 179 -14.73 -7.50 -20.97
N LEU C 180 -13.40 -7.47 -21.23
CA LEU C 180 -12.44 -7.12 -20.19
C LEU C 180 -12.12 -5.64 -20.12
N GLN C 181 -12.19 -4.93 -21.25
CA GLN C 181 -11.98 -3.49 -21.23
C GLN C 181 -13.35 -2.80 -21.20
N ARG C 182 -14.07 -2.96 -20.09
CA ARG C 182 -15.34 -2.31 -19.89
C ARG C 182 -15.44 -1.96 -18.41
N THR C 183 -16.27 -0.96 -18.14
CA THR C 183 -16.69 -0.65 -16.77
C THR C 183 -18.20 -0.53 -16.81
N ASP C 184 -18.86 -1.32 -15.97
CA ASP C 184 -20.28 -1.24 -15.76
C ASP C 184 -20.50 -0.57 -14.40
N ALA C 185 -21.07 0.64 -14.43
CA ALA C 185 -21.16 1.41 -13.19
C ALA C 185 -22.30 0.79 -12.39
N PRO C 186 -22.26 0.80 -11.03
CA PRO C 186 -23.32 0.21 -10.25
C PRO C 186 -24.63 1.00 -10.41
N LYS C 187 -25.76 0.30 -10.50
N LYS C 187 -25.72 0.26 -10.50
CA LYS C 187 -27.06 0.92 -10.32
CA LYS C 187 -27.07 0.73 -10.31
C LYS C 187 -27.42 0.78 -8.84
C LYS C 187 -27.35 0.75 -8.79
N THR C 188 -27.63 1.93 -8.22
CA THR C 188 -27.75 2.04 -6.73
C THR C 188 -29.16 2.45 -6.34
N HIS C 189 -29.54 2.02 -5.13
CA HIS C 189 -30.67 2.50 -4.43
C HIS C 189 -30.54 2.07 -2.97
N MET C 190 -31.43 2.59 -2.16
CA MET C 190 -31.53 2.12 -0.82
C MET C 190 -32.96 1.62 -0.61
N THR C 191 -33.10 0.59 0.24
CA THR C 191 -34.38 0.06 0.66
C THR C 191 -34.57 0.29 2.16
N HIS C 192 -35.82 0.36 2.56
CA HIS C 192 -36.23 0.45 4.00
C HIS C 192 -37.17 -0.72 4.28
N HIS C 193 -37.03 -1.34 5.45
CA HIS C 193 -37.90 -2.37 5.88
C HIS C 193 -38.05 -2.32 7.40
N ALA C 194 -39.27 -2.04 7.84
CA ALA C 194 -39.55 -1.96 9.30
C ALA C 194 -39.44 -3.35 9.90
N VAL C 195 -38.51 -3.49 10.85
CA VAL C 195 -38.27 -4.73 11.59
C VAL C 195 -39.33 -4.80 12.71
N SER C 196 -39.76 -3.63 13.18
CA SER C 196 -40.86 -3.47 14.12
C SER C 196 -41.40 -2.05 14.06
N ASP C 197 -42.32 -1.74 14.99
CA ASP C 197 -42.84 -0.40 15.25
C ASP C 197 -41.70 0.61 15.47
N HIS C 198 -40.55 0.16 15.98
CA HIS C 198 -39.57 1.08 16.58
C HIS C 198 -38.19 1.04 15.89
N GLU C 199 -37.96 0.13 14.91
CA GLU C 199 -36.67 0.11 14.20
C GLU C 199 -36.85 -0.36 12.76
N ALA C 200 -35.91 0.04 11.90
CA ALA C 200 -35.99 -0.28 10.47
C ALA C 200 -34.63 -0.69 9.97
N THR C 201 -34.61 -1.69 9.06
CA THR C 201 -33.41 -2.07 8.29
C THR C 201 -33.30 -1.14 7.07
N LEU C 202 -32.19 -0.42 7.00
CA LEU C 202 -31.81 0.40 5.85
C LEU C 202 -30.79 -0.40 5.08
N ARG C 203 -31.05 -0.67 3.79
CA ARG C 203 -30.14 -1.46 2.99
C ARG C 203 -29.74 -0.64 1.74
N CYS C 204 -28.44 -0.54 1.52
CA CYS C 204 -27.88 0.14 0.39
C CYS C 204 -27.36 -0.88 -0.62
N TRP C 205 -27.84 -0.76 -1.86
CA TRP C 205 -27.66 -1.71 -2.92
C TRP C 205 -26.76 -1.13 -4.01
N ALA C 206 -25.88 -1.98 -4.54
CA ALA C 206 -25.16 -1.77 -5.78
C ALA C 206 -25.34 -3.01 -6.66
N LEU C 207 -25.85 -2.80 -7.89
CA LEU C 207 -26.17 -3.90 -8.76
C LEU C 207 -25.55 -3.67 -10.14
N SER C 208 -25.33 -4.78 -10.86
N SER C 208 -25.28 -4.78 -10.83
CA SER C 208 -24.97 -4.79 -12.27
CA SER C 208 -24.96 -4.80 -12.24
C SER C 208 -23.64 -4.08 -12.53
C SER C 208 -23.67 -4.02 -12.49
N PHE C 209 -22.64 -4.28 -11.65
CA PHE C 209 -21.36 -3.55 -11.76
C PHE C 209 -20.21 -4.49 -12.13
N TYR C 210 -19.19 -3.90 -12.76
CA TYR C 210 -17.95 -4.54 -13.18
C TYR C 210 -16.86 -3.48 -13.30
N PRO C 211 -15.65 -3.73 -12.77
CA PRO C 211 -15.22 -4.91 -12.06
C PRO C 211 -15.80 -4.96 -10.63
N ALA C 212 -15.48 -6.00 -9.88
CA ALA C 212 -16.05 -6.34 -8.59
C ALA C 212 -15.63 -5.34 -7.50
N GLU C 213 -14.44 -4.73 -7.63
CA GLU C 213 -13.95 -3.75 -6.62
C GLU C 213 -14.98 -2.64 -6.40
N ILE C 214 -15.43 -2.49 -5.14
CA ILE C 214 -16.44 -1.48 -4.81
C ILE C 214 -16.34 -1.18 -3.30
N THR C 215 -16.71 0.03 -2.95
CA THR C 215 -16.88 0.39 -1.55
C THR C 215 -18.28 0.95 -1.32
N LEU C 216 -18.95 0.39 -0.28
CA LEU C 216 -20.23 0.82 0.20
C LEU C 216 -20.07 1.05 1.70
N THR C 217 -20.49 2.23 2.16
CA THR C 217 -20.43 2.59 3.55
C THR C 217 -21.69 3.38 3.94
N TRP C 218 -22.07 3.26 5.23
CA TRP C 218 -23.07 4.11 5.80
C TRP C 218 -22.40 5.19 6.66
N GLN C 219 -23.02 6.37 6.70
CA GLN C 219 -22.69 7.44 7.68
C GLN C 219 -23.95 7.79 8.46
N ARG C 220 -23.80 8.18 9.72
CA ARG C 220 -24.83 8.78 10.50
C ARG C 220 -24.38 10.19 10.88
N ASP C 221 -25.11 11.19 10.38
CA ASP C 221 -24.76 12.58 10.49
C ASP C 221 -23.28 12.75 10.15
N GLY C 222 -22.83 12.06 9.10
CA GLY C 222 -21.50 12.22 8.59
C GLY C 222 -20.45 11.37 9.31
N GLU C 223 -20.85 10.57 10.32
CA GLU C 223 -19.93 9.76 11.14
C GLU C 223 -19.98 8.29 10.73
N ASP C 224 -18.81 7.67 10.89
CA ASP C 224 -18.53 6.28 10.61
C ASP C 224 -19.53 5.36 11.33
N GLN C 225 -20.05 4.37 10.58
CA GLN C 225 -21.01 3.39 11.09
C GLN C 225 -20.52 1.95 10.83
N THR C 226 -19.21 1.78 10.64
CA THR C 226 -18.53 0.53 10.33
C THR C 226 -19.00 -0.59 11.26
N GLN C 227 -18.90 -0.31 12.56
N GLN C 227 -18.97 -0.32 12.57
CA GLN C 227 -19.21 -1.24 13.63
CA GLN C 227 -19.22 -1.39 13.52
C GLN C 227 -20.67 -1.72 13.56
C GLN C 227 -20.71 -1.75 13.58
N ASP C 228 -21.58 -0.90 13.02
CA ASP C 228 -22.99 -1.20 13.03
C ASP C 228 -23.49 -1.65 11.64
N THR C 229 -22.57 -1.80 10.70
CA THR C 229 -22.96 -2.13 9.31
C THR C 229 -22.79 -3.61 9.05
N GLU C 230 -23.83 -4.26 8.51
CA GLU C 230 -23.67 -5.60 7.93
C GLU C 230 -23.29 -5.44 6.46
N LEU C 231 -22.08 -5.85 6.07
CA LEU C 231 -21.56 -5.73 4.72
C LEU C 231 -21.49 -7.14 4.11
N VAL C 232 -22.27 -7.46 3.09
CA VAL C 232 -22.16 -8.81 2.52
C VAL C 232 -20.97 -8.89 1.55
N GLU C 233 -20.46 -10.11 1.34
CA GLU C 233 -19.44 -10.38 0.31
C GLU C 233 -20.01 -10.05 -1.08
N THR C 234 -19.25 -9.26 -1.83
CA THR C 234 -19.54 -9.02 -3.25
C THR C 234 -19.73 -10.37 -3.93
N ARG C 235 -20.83 -10.45 -4.69
CA ARG C 235 -21.36 -11.71 -5.24
C ARG C 235 -21.65 -11.61 -6.74
N PRO C 236 -21.43 -12.72 -7.48
CA PRO C 236 -21.65 -12.72 -8.93
C PRO C 236 -23.16 -12.73 -9.28
N ALA C 237 -23.60 -11.95 -10.27
CA ALA C 237 -25.01 -12.04 -10.74
C ALA C 237 -25.22 -13.28 -11.65
N GLY C 238 -24.14 -13.77 -12.23
CA GLY C 238 -24.10 -14.89 -13.15
C GLY C 238 -23.90 -14.45 -14.59
N ASP C 239 -24.03 -13.17 -14.87
CA ASP C 239 -24.05 -12.60 -16.20
C ASP C 239 -22.78 -11.76 -16.46
N GLY C 240 -21.75 -11.92 -15.62
CA GLY C 240 -20.52 -11.17 -15.79
C GLY C 240 -20.46 -9.90 -14.95
N THR C 241 -21.53 -9.61 -14.21
CA THR C 241 -21.54 -8.47 -13.29
C THR C 241 -21.66 -8.92 -11.82
N PHE C 242 -21.51 -7.94 -10.94
CA PHE C 242 -21.50 -8.13 -9.49
C PHE C 242 -22.59 -7.32 -8.78
N GLN C 243 -22.89 -7.79 -7.56
CA GLN C 243 -23.84 -7.24 -6.63
C GLN C 243 -23.19 -7.15 -5.24
N LYS C 244 -23.61 -6.14 -4.48
CA LYS C 244 -23.25 -6.02 -3.09
C LYS C 244 -24.32 -5.21 -2.37
N TRP C 245 -24.44 -5.43 -1.05
CA TRP C 245 -25.26 -4.58 -0.20
C TRP C 245 -24.67 -4.39 1.19
N VAL C 246 -25.12 -3.30 1.84
CA VAL C 246 -24.68 -2.88 3.17
C VAL C 246 -25.95 -2.47 3.92
N ALA C 247 -26.11 -2.93 5.17
CA ALA C 247 -27.31 -2.66 5.91
C ALA C 247 -26.94 -2.15 7.31
N VAL C 248 -27.81 -1.29 7.81
CA VAL C 248 -27.82 -0.82 9.22
C VAL C 248 -29.24 -0.92 9.75
N VAL C 249 -29.38 -1.20 11.06
CA VAL C 249 -30.64 -1.22 11.73
C VAL C 249 -30.71 0.06 12.56
N VAL C 250 -31.73 0.87 12.30
CA VAL C 250 -31.79 2.19 12.86
C VAL C 250 -33.11 2.38 13.60
N PRO C 251 -33.15 3.28 14.60
CA PRO C 251 -34.42 3.70 15.19
C PRO C 251 -35.35 4.37 14.17
N SER C 252 -36.59 3.90 14.16
CA SER C 252 -37.69 4.53 13.43
C SER C 252 -37.67 6.03 13.66
N GLY C 253 -37.61 6.79 12.56
CA GLY C 253 -37.62 8.22 12.57
C GLY C 253 -36.29 8.88 12.27
N GLN C 254 -35.15 8.16 12.44
CA GLN C 254 -33.82 8.75 12.26
C GLN C 254 -33.27 8.46 10.85
N GLU C 255 -34.09 7.92 9.95
CA GLU C 255 -33.60 7.47 8.62
C GLU C 255 -32.86 8.59 7.90
N GLN C 256 -33.34 9.84 8.04
CA GLN C 256 -32.82 10.97 7.28
C GLN C 256 -31.43 11.36 7.80
N ARG C 257 -31.00 10.85 8.98
CA ARG C 257 -29.61 11.07 9.47
C ARG C 257 -28.61 10.14 8.76
N TYR C 258 -29.08 9.12 8.02
CA TYR C 258 -28.23 8.06 7.49
C TYR C 258 -28.08 8.20 5.97
N THR C 259 -26.83 8.19 5.50
CA THR C 259 -26.46 8.26 4.08
C THR C 259 -25.61 7.04 3.69
N CYS C 260 -25.86 6.53 2.47
CA CYS C 260 -25.05 5.53 1.87
C CYS C 260 -24.10 6.17 0.84
N HIS C 261 -22.89 5.64 0.83
CA HIS C 261 -21.78 6.12 0.03
C HIS C 261 -21.20 5.00 -0.83
N VAL C 262 -21.12 5.27 -2.15
CA VAL C 262 -20.71 4.28 -3.11
C VAL C 262 -19.56 4.86 -3.95
N GLN C 263 -18.46 4.10 -4.01
CA GLN C 263 -17.34 4.38 -4.86
C GLN C 263 -17.10 3.15 -5.76
N HIS C 264 -17.02 3.44 -7.06
CA HIS C 264 -16.75 2.46 -8.07
C HIS C 264 -16.08 3.19 -9.23
N GLU C 265 -15.21 2.47 -9.94
CA GLU C 265 -14.40 2.98 -11.08
C GLU C 265 -15.29 3.58 -12.19
N GLY C 266 -16.47 2.98 -12.41
CA GLY C 266 -17.49 3.41 -13.42
C GLY C 266 -18.30 4.65 -13.04
N LEU C 267 -18.18 5.15 -11.80
CA LEU C 267 -18.79 6.42 -11.39
C LEU C 267 -17.82 7.57 -11.68
N PRO C 268 -18.27 8.69 -12.29
CA PRO C 268 -17.40 9.86 -12.46
C PRO C 268 -17.14 10.53 -11.09
N LYS C 269 -18.15 10.51 -10.21
CA LYS C 269 -18.03 10.99 -8.86
C LYS C 269 -18.59 9.92 -7.91
N PRO C 270 -17.97 9.71 -6.71
CA PRO C 270 -18.60 8.93 -5.65
C PRO C 270 -20.05 9.39 -5.39
N LEU C 271 -20.95 8.44 -5.17
CA LEU C 271 -22.37 8.74 -4.93
C LEU C 271 -22.69 8.79 -3.43
N THR C 272 -23.53 9.74 -3.05
CA THR C 272 -24.24 9.77 -1.75
C THR C 272 -25.74 9.64 -1.98
N LEU C 273 -26.35 8.58 -1.43
CA LEU C 273 -27.77 8.37 -1.47
C LEU C 273 -28.36 8.79 -0.11
N ARG C 274 -29.48 9.50 -0.16
CA ARG C 274 -30.09 10.09 1.00
C ARG C 274 -31.55 9.70 1.09
N TRP C 275 -32.09 9.85 2.30
CA TRP C 275 -33.49 9.64 2.53
C TRP C 275 -34.24 10.96 2.47
N GLU C 276 -33.54 12.04 2.11
CA GLU C 276 -34.04 13.43 2.08
C GLU C 276 -34.65 13.80 3.44
N MET D 1 -5.81 -28.06 10.02
N MET D 1 -4.83 -26.90 11.03
CA MET D 1 -6.54 -27.71 11.28
CA MET D 1 -6.15 -27.56 11.23
C MET D 1 -7.41 -26.46 11.09
C MET D 1 -7.28 -26.54 11.04
N ILE D 2 -6.97 -25.48 10.28
CA ILE D 2 -7.84 -24.35 9.92
C ILE D 2 -9.15 -24.88 9.31
N GLN D 3 -10.23 -24.26 9.74
CA GLN D 3 -11.53 -24.45 9.16
C GLN D 3 -12.20 -23.07 9.15
N ARG D 4 -12.98 -22.79 8.08
N ARG D 4 -12.91 -22.80 8.05
CA ARG D 4 -13.73 -21.53 7.96
CA ARG D 4 -13.49 -21.53 7.76
C ARG D 4 -15.15 -21.83 7.45
C ARG D 4 -14.90 -21.83 7.23
N THR D 5 -16.13 -21.17 8.08
N THR D 5 -15.89 -21.25 7.90
CA THR D 5 -17.55 -21.36 7.81
CA THR D 5 -17.29 -21.54 7.63
C THR D 5 -17.96 -20.70 6.49
C THR D 5 -17.75 -20.84 6.36
N PRO D 6 -18.72 -21.41 5.61
CA PRO D 6 -19.29 -20.73 4.44
C PRO D 6 -20.24 -19.59 4.83
N LYS D 7 -20.08 -18.48 4.10
N LYS D 7 -20.11 -18.47 4.11
CA LYS D 7 -21.07 -17.41 4.04
CA LYS D 7 -21.13 -17.45 4.16
C LYS D 7 -22.03 -17.73 2.89
C LYS D 7 -22.03 -17.67 2.94
N ILE D 8 -23.32 -17.89 3.20
CA ILE D 8 -24.30 -18.34 2.17
C ILE D 8 -25.20 -17.15 1.80
N GLN D 9 -25.23 -16.79 0.49
CA GLN D 9 -26.23 -15.84 -0.02
C GLN D 9 -27.12 -16.50 -1.09
N VAL D 10 -28.46 -16.36 -1.00
CA VAL D 10 -29.38 -16.86 -2.01
C VAL D 10 -30.13 -15.64 -2.60
N TYR D 11 -30.09 -15.50 -3.93
CA TYR D 11 -30.57 -14.26 -4.53
C TYR D 11 -30.82 -14.47 -6.04
N SER D 12 -31.51 -13.52 -6.67
CA SER D 12 -31.83 -13.57 -8.08
C SER D 12 -30.81 -12.71 -8.83
N ARG D 13 -30.59 -13.07 -10.08
CA ARG D 13 -29.75 -12.31 -10.96
C ARG D 13 -30.35 -10.93 -11.18
N HIS D 14 -31.67 -10.88 -11.45
CA HIS D 14 -32.43 -9.71 -11.83
C HIS D 14 -33.50 -9.45 -10.78
N PRO D 15 -33.98 -8.20 -10.61
CA PRO D 15 -35.09 -7.95 -9.68
C PRO D 15 -36.27 -8.87 -10.01
N ALA D 16 -36.81 -9.60 -9.03
CA ALA D 16 -37.79 -10.65 -9.32
C ALA D 16 -39.14 -10.01 -9.71
N GLU D 17 -39.78 -10.58 -10.73
CA GLU D 17 -41.18 -10.32 -11.07
C GLU D 17 -41.89 -11.66 -11.18
N ASN D 18 -42.97 -11.84 -10.43
CA ASN D 18 -43.68 -13.11 -10.45
C ASN D 18 -44.08 -13.44 -11.88
N GLY D 19 -43.84 -14.69 -12.30
CA GLY D 19 -44.22 -15.20 -13.62
C GLY D 19 -43.19 -14.92 -14.69
N LYS D 20 -42.13 -14.18 -14.31
CA LYS D 20 -41.12 -13.83 -15.23
C LYS D 20 -39.85 -14.61 -14.90
N SER D 21 -39.36 -15.36 -15.90
CA SER D 21 -38.13 -16.19 -15.84
C SER D 21 -36.91 -15.36 -15.43
N ASN D 22 -36.04 -15.98 -14.60
CA ASN D 22 -34.95 -15.26 -13.92
C ASN D 22 -33.89 -16.35 -13.66
N PHE D 23 -32.88 -16.03 -12.84
CA PHE D 23 -31.82 -16.95 -12.45
C PHE D 23 -31.70 -16.87 -10.93
N LEU D 24 -31.72 -18.06 -10.29
CA LEU D 24 -31.56 -18.22 -8.85
C LEU D 24 -30.08 -18.59 -8.56
N ASN D 25 -29.45 -17.82 -7.68
CA ASN D 25 -28.03 -17.92 -7.30
C ASN D 25 -27.92 -18.36 -5.83
N CYS D 26 -27.08 -19.36 -5.56
CA CYS D 26 -26.62 -19.61 -4.21
C CYS D 26 -25.09 -19.47 -4.20
N TYR D 27 -24.63 -18.41 -3.55
CA TYR D 27 -23.23 -18.10 -3.51
C TYR D 27 -22.70 -18.47 -2.13
N VAL D 28 -21.72 -19.40 -2.10
CA VAL D 28 -21.10 -19.84 -0.84
C VAL D 28 -19.63 -19.44 -0.93
N SER D 29 -19.19 -18.63 0.03
CA SER D 29 -17.85 -18.01 0.02
C SER D 29 -17.17 -18.12 1.39
N GLY D 30 -15.84 -17.96 1.44
CA GLY D 30 -15.15 -17.87 2.70
C GLY D 30 -14.92 -19.19 3.41
N PHE D 31 -15.02 -20.32 2.74
CA PHE D 31 -14.97 -21.64 3.43
C PHE D 31 -13.63 -22.35 3.21
N HIS D 32 -13.34 -23.26 4.14
CA HIS D 32 -12.12 -24.08 4.14
C HIS D 32 -12.37 -25.18 5.15
N PRO D 33 -12.04 -26.44 4.79
CA PRO D 33 -11.53 -26.96 3.53
C PRO D 33 -12.61 -26.94 2.41
N SER D 34 -12.30 -27.55 1.24
CA SER D 34 -13.03 -27.28 -0.01
C SER D 34 -14.26 -28.17 -0.15
N ASP D 35 -14.33 -29.28 0.59
CA ASP D 35 -15.50 -30.20 0.50
C ASP D 35 -16.77 -29.51 1.02
N ILE D 36 -17.80 -29.46 0.16
CA ILE D 36 -19.02 -28.81 0.49
C ILE D 36 -20.16 -29.43 -0.33
N GLU D 37 -21.35 -29.47 0.27
CA GLU D 37 -22.57 -29.91 -0.39
C GLU D 37 -23.50 -28.69 -0.50
N VAL D 38 -23.92 -28.36 -1.73
CA VAL D 38 -24.87 -27.23 -1.94
C VAL D 38 -26.01 -27.76 -2.82
N ASP D 39 -27.26 -27.56 -2.37
CA ASP D 39 -28.47 -27.91 -3.16
C ASP D 39 -29.38 -26.69 -3.21
N LEU D 40 -29.95 -26.41 -4.39
CA LEU D 40 -30.99 -25.40 -4.55
C LEU D 40 -32.34 -26.14 -4.45
N LEU D 41 -33.28 -25.53 -3.70
CA LEU D 41 -34.53 -26.21 -3.32
C LEU D 41 -35.68 -25.36 -3.89
N LYS D 42 -36.69 -26.04 -4.41
CA LYS D 42 -38.04 -25.44 -4.66
C LYS D 42 -39.07 -26.19 -3.81
N ASN D 43 -39.76 -25.47 -2.91
CA ASN D 43 -40.73 -26.05 -1.98
C ASN D 43 -40.10 -27.25 -1.26
N GLY D 44 -38.82 -27.14 -0.95
CA GLY D 44 -38.14 -28.12 -0.10
C GLY D 44 -37.50 -29.30 -0.82
N GLU D 45 -37.57 -29.32 -2.17
N GLU D 45 -37.66 -29.43 -2.15
CA GLU D 45 -37.07 -30.41 -2.99
CA GLU D 45 -37.01 -30.52 -2.87
C GLU D 45 -35.96 -29.90 -3.91
C GLU D 45 -35.97 -29.93 -3.83
N ARG D 46 -34.95 -30.75 -4.10
CA ARG D 46 -33.79 -30.43 -4.90
C ARG D 46 -34.21 -30.15 -6.34
N ILE D 47 -33.81 -28.99 -6.86
CA ILE D 47 -33.98 -28.64 -8.25
C ILE D 47 -32.94 -29.44 -9.01
N GLU D 48 -33.35 -30.06 -10.11
CA GLU D 48 -32.55 -31.07 -10.81
C GLU D 48 -31.36 -30.49 -11.60
N LYS D 49 -31.54 -29.40 -12.34
CA LYS D 49 -30.54 -29.15 -13.45
C LYS D 49 -29.46 -28.14 -13.03
N VAL D 50 -29.12 -28.12 -11.74
CA VAL D 50 -28.32 -27.02 -11.19
C VAL D 50 -26.87 -27.10 -11.70
N GLU D 51 -26.29 -25.93 -11.96
CA GLU D 51 -24.95 -25.80 -12.42
C GLU D 51 -24.14 -25.09 -11.34
N HIS D 52 -22.83 -25.26 -11.41
CA HIS D 52 -21.92 -24.59 -10.44
C HIS D 52 -20.63 -24.15 -11.13
N SER D 53 -20.04 -23.09 -10.60
CA SER D 53 -18.79 -22.60 -10.96
C SER D 53 -17.65 -23.58 -10.58
N ASP D 54 -16.53 -23.33 -11.25
CA ASP D 54 -15.25 -23.98 -11.03
C ASP D 54 -14.61 -23.50 -9.72
N LEU D 55 -14.12 -24.43 -8.89
CA LEU D 55 -13.58 -24.08 -7.56
C LEU D 55 -12.41 -23.08 -7.69
N SER D 56 -12.56 -21.97 -6.98
CA SER D 56 -11.57 -20.92 -6.92
C SER D 56 -11.52 -20.46 -5.46
N PHE D 57 -10.68 -19.46 -5.19
CA PHE D 57 -10.44 -19.02 -3.80
C PHE D 57 -9.94 -17.57 -3.79
N SER D 58 -10.04 -16.94 -2.63
CA SER D 58 -9.76 -15.54 -2.42
C SER D 58 -8.30 -15.39 -1.92
N LYS D 59 -7.90 -14.14 -1.69
N LYS D 59 -7.91 -14.14 -1.65
CA LYS D 59 -6.57 -13.78 -1.21
CA LYS D 59 -6.56 -13.77 -1.22
C LYS D 59 -6.23 -14.54 0.08
C LYS D 59 -6.22 -14.29 0.19
N ASP D 60 -7.22 -14.73 0.96
CA ASP D 60 -7.04 -15.29 2.27
C ASP D 60 -7.08 -16.83 2.18
N TRP D 61 -7.13 -17.38 0.96
CA TRP D 61 -7.10 -18.82 0.65
C TRP D 61 -8.46 -19.52 0.83
N SER D 62 -9.49 -18.77 1.24
CA SER D 62 -10.79 -19.36 1.45
C SER D 62 -11.49 -19.52 0.09
N PHE D 63 -12.28 -20.59 -0.03
CA PHE D 63 -12.93 -20.99 -1.29
C PHE D 63 -14.26 -20.25 -1.49
N TYR D 64 -14.68 -20.17 -2.75
CA TYR D 64 -16.01 -19.67 -3.18
C TYR D 64 -16.51 -20.50 -4.38
N LEU D 65 -17.82 -20.75 -4.35
CA LEU D 65 -18.59 -21.37 -5.48
C LEU D 65 -19.94 -20.66 -5.66
N LEU D 66 -20.42 -20.68 -6.90
CA LEU D 66 -21.72 -20.23 -7.25
C LEU D 66 -22.48 -21.42 -7.80
N TYR D 67 -23.63 -21.68 -7.21
CA TYR D 67 -24.61 -22.66 -7.72
C TYR D 67 -25.80 -21.88 -8.31
N TYR D 68 -26.28 -22.28 -9.48
CA TYR D 68 -27.25 -21.44 -10.16
C TYR D 68 -28.12 -22.26 -11.12
N THR D 69 -29.31 -21.70 -11.43
CA THR D 69 -30.33 -22.39 -12.21
C THR D 69 -31.33 -21.31 -12.67
N GLU D 70 -32.02 -21.58 -13.78
N GLU D 70 -31.98 -21.55 -13.82
CA GLU D 70 -33.14 -20.73 -14.22
CA GLU D 70 -33.14 -20.75 -14.22
C GLU D 70 -34.29 -21.02 -13.28
C GLU D 70 -34.23 -20.99 -13.18
N PHE D 71 -35.09 -19.99 -12.92
CA PHE D 71 -36.28 -20.21 -12.17
C PHE D 71 -37.30 -19.11 -12.53
N THR D 72 -38.55 -19.37 -12.17
CA THR D 72 -39.61 -18.36 -12.27
C THR D 72 -40.15 -18.04 -10.89
N PRO D 73 -39.84 -16.87 -10.32
CA PRO D 73 -40.40 -16.51 -9.05
C PRO D 73 -41.93 -16.42 -9.17
N THR D 74 -42.61 -16.89 -8.12
CA THR D 74 -44.06 -16.83 -7.98
C THR D 74 -44.39 -16.32 -6.57
N GLU D 75 -45.68 -16.12 -6.35
CA GLU D 75 -46.17 -15.66 -5.08
C GLU D 75 -45.91 -16.75 -4.03
N LYS D 76 -46.28 -18.00 -4.36
CA LYS D 76 -46.39 -19.06 -3.36
C LYS D 76 -45.17 -20.00 -3.35
N ASP D 77 -44.40 -20.11 -4.43
CA ASP D 77 -43.25 -21.09 -4.42
C ASP D 77 -42.11 -20.53 -3.57
N GLU D 78 -41.53 -21.43 -2.75
CA GLU D 78 -40.48 -21.13 -1.80
C GLU D 78 -39.17 -21.70 -2.33
N TYR D 79 -38.20 -20.83 -2.55
CA TYR D 79 -36.88 -21.26 -3.02
C TYR D 79 -35.88 -21.10 -1.87
N ALA D 80 -34.91 -22.01 -1.84
CA ALA D 80 -33.89 -21.92 -0.81
C ALA D 80 -32.63 -22.61 -1.30
N CYS D 81 -31.58 -22.41 -0.49
CA CYS D 81 -30.29 -23.06 -0.63
C CYS D 81 -29.90 -23.86 0.65
N ARG D 82 -29.48 -25.11 0.48
CA ARG D 82 -29.09 -26.01 1.58
C ARG D 82 -27.60 -26.31 1.46
N VAL D 83 -26.86 -26.00 2.54
CA VAL D 83 -25.42 -26.11 2.54
C VAL D 83 -25.01 -27.01 3.73
N ASN D 84 -24.11 -27.96 3.46
CA ASN D 84 -23.43 -28.67 4.54
C ASN D 84 -21.94 -28.67 4.26
N HIS D 85 -21.20 -28.52 5.35
CA HIS D 85 -19.77 -28.35 5.39
C HIS D 85 -19.29 -28.81 6.77
N VAL D 86 -18.01 -29.15 6.89
CA VAL D 86 -17.48 -29.66 8.14
C VAL D 86 -17.76 -28.70 9.32
N THR D 87 -17.73 -27.38 9.10
CA THR D 87 -17.94 -26.36 10.10
C THR D 87 -19.39 -26.26 10.57
N LEU D 88 -20.33 -26.87 9.85
CA LEU D 88 -21.75 -26.77 10.19
C LEU D 88 -22.18 -28.05 10.88
N SER D 89 -22.79 -27.94 12.07
CA SER D 89 -23.10 -29.14 12.83
C SER D 89 -24.25 -29.92 12.16
N GLN D 90 -25.12 -29.19 11.45
CA GLN D 90 -26.16 -29.81 10.60
C GLN D 90 -26.31 -28.96 9.34
N PRO D 91 -26.89 -29.49 8.25
CA PRO D 91 -27.13 -28.67 7.06
C PRO D 91 -27.89 -27.39 7.43
N LYS D 92 -27.51 -26.31 6.74
CA LYS D 92 -28.07 -25.01 6.96
C LYS D 92 -28.95 -24.68 5.75
N ILE D 93 -30.19 -24.21 6.01
CA ILE D 93 -31.10 -23.78 4.92
C ILE D 93 -31.26 -22.27 4.97
N VAL D 94 -30.88 -21.59 3.87
CA VAL D 94 -31.08 -20.17 3.69
C VAL D 94 -32.20 -19.94 2.66
N LYS D 95 -33.28 -19.31 3.09
CA LYS D 95 -34.46 -19.07 2.23
C LYS D 95 -34.22 -17.87 1.33
N TRP D 96 -34.68 -17.97 0.07
CA TRP D 96 -34.63 -16.79 -0.82
C TRP D 96 -35.65 -15.76 -0.32
N ASP D 97 -35.19 -14.51 -0.12
CA ASP D 97 -35.99 -13.35 0.19
C ASP D 97 -35.74 -12.28 -0.87
N ARG D 98 -36.78 -11.98 -1.66
CA ARG D 98 -36.67 -11.02 -2.76
C ARG D 98 -36.68 -9.57 -2.24
N ASP D 99 -37.44 -9.31 -1.15
CA ASP D 99 -37.81 -7.94 -0.66
C ASP D 99 -36.64 -7.20 0.01
N MET D 100 -35.41 -7.73 -0.11
CA MET D 100 -34.27 -7.12 0.56
C MET D 100 -33.93 -5.78 -0.11
C1 EDO E . 0.85 12.82 -9.87
O1 EDO E . 0.92 13.80 -8.84
C2 EDO E . 2.22 12.78 -10.45
O2 EDO E . 3.11 12.09 -9.59
C1 EDO F . -4.50 27.52 3.18
O1 EDO F . -5.21 28.63 2.65
C2 EDO F . -3.04 27.94 3.27
O2 EDO F . -2.42 27.71 2.00
C1 EDO G . -1.14 6.72 -14.62
O1 EDO G . -1.95 5.55 -14.60
C2 EDO G . 0.31 6.26 -14.63
O2 EDO G . 0.85 6.29 -15.96
NA NA H . 21.18 35.39 13.24
NA NA I . -3.33 -32.69 -6.70
C1 EDO J . 0.48 -18.33 -20.05
O1 EDO J . 0.20 -18.85 -18.71
C2 EDO J . -0.84 -18.48 -20.83
O2 EDO J . -1.90 -17.65 -20.24
C1 EDO K . 0.96 -21.36 -24.26
O1 EDO K . 2.40 -21.38 -24.33
C2 EDO K . 0.45 -22.75 -24.61
O2 EDO K . 0.78 -23.61 -23.55
NA NA L . -21.30 -30.55 8.66
#